data_1RG5
#
_entry.id   1RG5
#
_cell.length_a   144.033
_cell.length_b   144.033
_cell.length_c   190.072
_cell.angle_alpha   90.00
_cell.angle_beta   90.00
_cell.angle_gamma   120.00
#
_symmetry.space_group_name_H-M   'P 31 2 1'
#
loop_
_entity.id
_entity.type
_entity.pdbx_description
1 polymer 'Reaction center protein L chain'
2 polymer 'Reaction center protein M chain'
3 polymer 'Reaction center protein H chain'
4 non-polymer 'BACTERIOCHLOROPHYLL A'
5 non-polymer 'BACTERIOPHEOPHYTIN A'
6 non-polymer UBIQUINONE-10
7 non-polymer HEPTANE-1,2,3-TRIOL
8 non-polymer 'FE (III) ION'
9 non-polymer CARDIOLIPIN
10 non-polymer 'LAURYL DIMETHYLAMINE-N-OXIDE'
11 water water
#
loop_
_entity_poly.entity_id
_entity_poly.type
_entity_poly.pdbx_seq_one_letter_code
_entity_poly.pdbx_strand_id
1 'polypeptide(L)'
;ALLSFERKYRVPGGTLVGGNLFDFWVGPFYVGFFGVATFFFAALGIILIAWSAVLQGTWNPQLISVYPPALEYGLGGAPL
AKGGLWQIITICATGAFVSWALREVEICRKLGIGYHIPFAFAFAILAYLTLVLFRPVMMGAWGYAFPYGIWTHLDWVSNT
GYTYGNFHYNPAHMIAISFFFTNALALALHGALVLSAANPEKGKEMRTPDHEDTFFRDLVGYSIGTLGIHRLGLLLSLSA
VFFSALCMIITGTIWFDQWVDWWQWWVKLPWWANIPGGING
;
L
2 'polypeptide(L)'
;AEYQNIFSQVQVRGPADLGMTEDVNLANRSGVGPFSTLLGWFGNAQLGPIYLGSLGVLSLFSGLMWFFTIGIWFWYQAGW
NPAVFLRDLFFFSLEPPAPEYGLSFAAPLKEGGLWLIASFFMFVAVWSWWGRTYLRAQALGMGKHTAWAFLSAIWLWMVL
GFIRPILMGSWSEAVPYGIFSHLDWTNNFSLVHGNLFYNPFHGLSIAFLYGSALLFAMHGATILAVSRFGGERELEQIAD
RGTAAERAALFWRWTMGFNATMEGIHRWAIWMAVLVTLTGGIGILLSGTVVDNWYVWGQNHGMAPLN
;
M
3 'polypeptide(L)'
;MVGVTAFGNFDLASLAIYSFWIFLAGLIYYLQTENMREGYPLENEDGTPAANQGPFPLPKPKTFILPHGRGTLTVPGPES
EDRPIALARTAVSEGFPHAPTGDPMKDGVGPASWVARRDLPELDGHGHNKIKPMKAAAGFHVSAGKNPIGLPVRGCDLEI
AGKVVDIWVDIPEQMARFLEVELKDGSTRLLPMQMVKVQSNRVHVNALSSDLFAGIPTIKSPTEVTLLEEDKICGYVAGG
LMYAAPKRKSVVAAMLAEYA
;
H
#
loop_
_chem_comp.id
_chem_comp.type
_chem_comp.name
_chem_comp.formula
BCL non-polymer 'BACTERIOCHLOROPHYLL A' 'C55 H74 Mg N4 O6'
BPH non-polymer 'BACTERIOPHEOPHYTIN A' 'C55 H76 N4 O6'
CDL non-polymer CARDIOLIPIN 'C81 H156 O17 P2 -2'
FE non-polymer 'FE (III) ION' 'Fe 3'
HTO non-polymer HEPTANE-1,2,3-TRIOL 'C7 H16 O3'
LDA non-polymer 'LAURYL DIMETHYLAMINE-N-OXIDE' 'C14 H31 N O'
U10 non-polymer UBIQUINONE-10 'C59 H90 O4'
#
# COMPACT_ATOMS: atom_id res chain seq x y z
N ALA A 1 22.32 19.10 5.72
CA ALA A 1 23.39 18.12 5.47
C ALA A 1 22.80 17.16 4.44
N LEU A 2 23.66 16.36 3.80
CA LEU A 2 23.20 15.45 2.77
C LEU A 2 23.47 13.99 3.14
N LEU A 3 22.64 13.09 2.61
CA LEU A 3 22.94 11.66 2.62
C LEU A 3 24.26 11.41 1.85
N SER A 4 24.97 10.34 2.19
CA SER A 4 26.29 10.07 1.58
C SER A 4 26.26 10.00 0.03
N PHE A 5 25.13 9.64 -0.54
CA PHE A 5 25.01 9.45 -1.99
C PHE A 5 24.23 10.54 -2.75
N GLU A 6 23.93 11.66 -2.07
CA GLU A 6 22.92 12.61 -2.56
C GLU A 6 23.41 13.70 -3.56
N ARG A 7 24.69 14.11 -3.49
CA ARG A 7 25.16 15.33 -4.22
C ARG A 7 24.99 15.21 -5.76
N LYS A 8 25.22 14.01 -6.29
CA LYS A 8 25.09 13.78 -7.74
C LYS A 8 23.68 14.02 -8.31
N TYR A 9 22.65 13.95 -7.47
CA TYR A 9 21.26 14.19 -7.87
C TYR A 9 20.81 15.66 -7.75
N ARG A 10 21.55 16.49 -6.97
CA ARG A 10 21.13 17.89 -6.76
C ARG A 10 21.55 18.83 -7.90
N VAL A 11 21.02 18.60 -9.11
CA VAL A 11 21.33 19.39 -10.30
C VAL A 11 20.22 20.41 -10.54
N PRO A 12 20.50 21.43 -11.36
CA PRO A 12 19.43 22.42 -11.74
C PRO A 12 18.40 21.81 -12.69
N GLY A 13 17.16 22.28 -12.63
CA GLY A 13 16.14 21.98 -13.62
C GLY A 13 14.98 21.15 -13.13
N GLY A 14 13.93 21.09 -13.95
CA GLY A 14 12.71 20.35 -13.66
C GLY A 14 11.55 21.22 -13.16
N THR A 15 11.77 22.50 -12.91
CA THR A 15 10.72 23.34 -12.32
C THR A 15 9.65 23.64 -13.37
N LEU A 16 8.43 23.90 -12.92
CA LEU A 16 7.31 24.22 -13.82
C LEU A 16 7.04 25.70 -13.94
N VAL A 17 7.37 26.48 -12.92
CA VAL A 17 7.13 27.91 -12.87
C VAL A 17 8.35 28.54 -12.21
N GLY A 18 8.77 29.69 -12.73
CA GLY A 18 9.82 30.48 -12.11
C GLY A 18 11.24 30.27 -12.58
N GLY A 19 11.48 29.33 -13.50
CA GLY A 19 12.85 29.03 -13.89
C GLY A 19 13.76 28.62 -12.72
N ASN A 20 14.88 29.31 -12.57
CA ASN A 20 15.81 29.02 -11.47
C ASN A 20 15.65 29.81 -10.16
N LEU A 21 14.66 30.70 -10.10
CA LEU A 21 14.41 31.63 -8.98
C LEU A 21 14.25 30.92 -7.63
N PHE A 22 13.48 29.84 -7.61
CA PHE A 22 13.19 29.12 -6.38
C PHE A 22 13.76 27.68 -6.39
N ASP A 23 14.75 27.43 -7.26
CA ASP A 23 15.36 26.10 -7.44
C ASP A 23 16.49 25.89 -6.42
N PHE A 24 16.08 25.57 -5.20
CA PHE A 24 17.02 25.39 -4.09
C PHE A 24 16.40 24.61 -2.92
N TRP A 25 17.24 24.23 -1.97
CA TRP A 25 16.86 23.45 -0.76
C TRP A 25 17.12 24.27 0.53
N VAL A 26 16.32 24.00 1.58
CA VAL A 26 16.56 24.42 2.98
C VAL A 26 16.71 23.12 3.85
N GLY A 27 17.94 22.77 4.23
CA GLY A 27 18.24 21.51 4.86
C GLY A 27 17.93 20.38 3.89
N PRO A 28 17.11 19.40 4.33
CA PRO A 28 16.63 18.32 3.45
C PRO A 28 15.49 18.71 2.49
N PHE A 29 14.74 19.79 2.79
CA PHE A 29 13.54 20.13 2.03
C PHE A 29 13.81 20.85 0.70
N TYR A 30 13.25 20.31 -0.39
CA TYR A 30 13.21 21.07 -1.66
C TYR A 30 12.16 22.20 -1.56
N VAL A 31 12.43 23.37 -2.12
CA VAL A 31 11.49 24.48 -2.04
C VAL A 31 10.64 24.57 -3.32
N GLY A 32 11.15 25.22 -4.36
CA GLY A 32 10.36 25.51 -5.56
C GLY A 32 9.26 26.55 -5.33
N PHE A 33 8.61 26.98 -6.44
CA PHE A 33 7.52 27.97 -6.38
C PHE A 33 6.34 27.47 -5.52
N PHE A 34 6.01 26.21 -5.69
CA PHE A 34 4.95 25.55 -4.95
C PHE A 34 5.31 25.29 -3.45
N GLY A 35 6.59 25.22 -3.08
CA GLY A 35 6.99 25.31 -1.69
C GLY A 35 6.64 26.65 -1.05
N VAL A 36 6.92 27.73 -1.80
CA VAL A 36 6.53 29.08 -1.32
C VAL A 36 5.00 29.23 -1.20
N ALA A 37 4.26 28.70 -2.17
CA ALA A 37 2.82 28.80 -2.16
C ALA A 37 2.28 28.00 -0.99
N THR A 38 2.82 26.80 -0.70
CA THR A 38 2.20 26.04 0.40
C THR A 38 2.44 26.72 1.76
N PHE A 39 3.59 27.34 1.95
CA PHE A 39 3.88 28.09 3.17
C PHE A 39 2.90 29.26 3.40
N PHE A 40 2.58 29.95 2.31
CA PHE A 40 1.72 31.11 2.37
C PHE A 40 0.29 30.70 2.74
N PHE A 41 -0.23 29.70 2.05
CA PHE A 41 -1.56 29.19 2.33
C PHE A 41 -1.65 28.56 3.73
N ALA A 42 -0.62 27.83 4.15
CA ALA A 42 -0.63 27.18 5.47
C ALA A 42 -0.59 28.20 6.60
N ALA A 43 0.25 29.22 6.48
CA ALA A 43 0.42 30.22 7.54
C ALA A 43 -0.86 31.08 7.73
N LEU A 44 -1.46 31.46 6.62
CA LEU A 44 -2.69 32.23 6.65
C LEU A 44 -3.85 31.40 7.25
N GLY A 45 -3.92 30.12 6.90
CA GLY A 45 -4.87 29.22 7.52
C GLY A 45 -4.73 29.11 9.05
N ILE A 46 -3.49 28.96 9.53
CA ILE A 46 -3.23 28.84 10.97
C ILE A 46 -3.58 30.13 11.78
N ILE A 47 -3.25 31.29 11.22
CA ILE A 47 -3.63 32.56 11.82
C ILE A 47 -5.16 32.70 11.96
N LEU A 48 -5.90 32.25 10.96
CA LEU A 48 -7.34 32.43 10.99
C LEU A 48 -7.98 31.46 12.00
N ILE A 49 -7.42 30.26 12.15
CA ILE A 49 -7.87 29.32 13.19
C ILE A 49 -7.66 29.91 14.58
N ALA A 50 -6.48 30.51 14.81
CA ALA A 50 -6.20 31.25 16.06
C ALA A 50 -7.23 32.36 16.40
N TRP A 51 -7.58 33.17 15.38
CA TRP A 51 -8.55 34.24 15.52
C TRP A 51 -9.92 33.67 15.85
N SER A 52 -10.25 32.56 15.22
CA SER A 52 -11.47 31.82 15.54
C SER A 52 -11.51 31.41 17.05
N ALA A 53 -10.38 31.00 17.58
CA ALA A 53 -10.27 30.58 18.96
C ALA A 53 -10.45 31.75 19.94
N VAL A 54 -9.96 32.94 19.61
CA VAL A 54 -10.20 34.05 20.51
C VAL A 54 -11.72 34.35 20.60
N LEU A 55 -12.42 34.35 19.47
CA LEU A 55 -13.85 34.66 19.46
C LEU A 55 -14.66 33.59 20.16
N GLN A 56 -14.17 32.35 20.19
CA GLN A 56 -14.86 31.29 20.92
C GLN A 56 -14.59 31.39 22.43
N GLY A 57 -13.42 31.91 22.82
CA GLY A 57 -12.98 31.91 24.21
C GLY A 57 -12.22 30.74 24.84
N THR A 58 -11.69 29.78 24.07
CA THR A 58 -10.68 28.81 24.54
C THR A 58 -9.39 28.85 23.74
N TRP A 59 -8.29 28.43 24.38
CA TRP A 59 -7.09 27.97 23.69
C TRP A 59 -6.94 26.45 23.80
N ASN A 60 -7.85 25.75 24.46
CA ASN A 60 -7.76 24.27 24.54
C ASN A 60 -7.95 23.57 23.18
N PRO A 61 -6.95 22.84 22.67
CA PRO A 61 -7.08 22.20 21.33
C PRO A 61 -8.15 21.13 21.24
N GLN A 62 -8.54 20.59 22.39
CA GLN A 62 -9.66 19.65 22.45
C GLN A 62 -11.05 20.28 22.37
N LEU A 63 -11.15 21.61 22.49
CA LEU A 63 -12.43 22.28 22.38
C LEU A 63 -12.53 23.24 21.19
N ILE A 64 -11.43 23.72 20.64
CA ILE A 64 -11.51 24.65 19.51
C ILE A 64 -12.28 23.98 18.35
N SER A 65 -13.25 24.70 17.81
CA SER A 65 -14.00 24.20 16.65
C SER A 65 -14.44 25.34 15.73
N VAL A 66 -14.15 25.22 14.44
CA VAL A 66 -14.61 26.21 13.44
C VAL A 66 -15.79 25.65 12.63
N TYR A 67 -16.97 26.25 12.76
CA TYR A 67 -18.21 25.74 12.12
C TYR A 67 -18.53 26.43 10.81
N PRO A 68 -19.09 25.67 9.88
CA PRO A 68 -19.57 26.24 8.63
C PRO A 68 -20.78 27.14 8.85
N PRO A 69 -21.14 27.94 7.86
CA PRO A 69 -22.36 28.75 7.93
C PRO A 69 -23.60 27.89 8.14
N ALA A 70 -24.51 28.39 8.97
CA ALA A 70 -25.79 27.75 9.19
C ALA A 70 -26.60 27.67 7.88
N LEU A 71 -27.51 26.70 7.83
CA LEU A 71 -28.30 26.39 6.62
C LEU A 71 -29.02 27.58 5.98
N GLU A 72 -29.45 28.54 6.78
CA GLU A 72 -30.21 29.70 6.25
C GLU A 72 -29.38 30.56 5.29
N TYR A 73 -28.05 30.47 5.36
CA TYR A 73 -27.23 31.22 4.43
C TYR A 73 -27.15 30.57 3.03
N GLY A 74 -27.62 29.32 2.90
CA GLY A 74 -27.54 28.59 1.64
C GLY A 74 -26.11 28.56 1.16
N LEU A 75 -25.89 29.04 -0.06
CA LEU A 75 -24.57 29.07 -0.69
C LEU A 75 -23.92 30.44 -0.82
N GLY A 76 -24.37 31.43 -0.07
CA GLY A 76 -23.75 32.74 -0.11
C GLY A 76 -22.62 32.89 0.89
N GLY A 77 -22.05 34.10 0.96
CA GLY A 77 -21.08 34.47 2.00
C GLY A 77 -21.77 34.64 3.36
N ALA A 78 -21.06 34.38 4.44
CA ALA A 78 -21.57 34.61 5.78
C ALA A 78 -20.62 35.59 6.50
N PRO A 79 -21.08 36.18 7.61
CA PRO A 79 -20.19 36.94 8.49
C PRO A 79 -19.10 36.06 9.10
N LEU A 80 -17.96 36.67 9.36
CA LEU A 80 -16.78 35.95 9.82
C LEU A 80 -17.05 35.13 11.07
N ALA A 81 -17.66 35.77 12.05
CA ALA A 81 -17.97 35.16 13.33
C ALA A 81 -18.93 34.00 13.19
N LYS A 82 -19.80 34.01 12.18
CA LYS A 82 -20.80 32.95 11.99
C LYS A 82 -20.70 32.17 10.66
N GLY A 83 -19.49 31.78 10.29
CA GLY A 83 -19.27 30.88 9.13
C GLY A 83 -18.29 31.35 8.07
N GLY A 84 -18.07 32.66 7.98
CA GLY A 84 -17.12 33.28 7.04
C GLY A 84 -15.69 32.78 7.21
N LEU A 85 -15.23 32.61 8.46
CA LEU A 85 -13.87 32.11 8.70
C LEU A 85 -13.68 30.71 8.16
N TRP A 86 -14.74 29.90 8.26
CA TRP A 86 -14.70 28.51 7.76
C TRP A 86 -14.56 28.52 6.26
N GLN A 87 -15.27 29.44 5.60
CA GLN A 87 -15.21 29.58 4.12
C GLN A 87 -13.79 29.95 3.64
N ILE A 88 -13.15 30.93 4.28
CA ILE A 88 -11.78 31.34 3.93
C ILE A 88 -10.72 30.27 4.22
N ILE A 89 -10.81 29.62 5.39
CA ILE A 89 -9.88 28.54 5.76
C ILE A 89 -9.99 27.38 4.77
N THR A 90 -11.19 27.07 4.32
CA THR A 90 -11.39 26.01 3.33
C THR A 90 -10.68 26.33 1.99
N ILE A 91 -10.69 27.62 1.61
CA ILE A 91 -9.95 28.07 0.42
C ILE A 91 -8.44 27.89 0.66
N CYS A 92 -7.94 28.31 1.81
CA CYS A 92 -6.52 28.11 2.15
C CYS A 92 -6.10 26.64 2.17
N ALA A 93 -6.92 25.77 2.76
CA ALA A 93 -6.61 24.34 2.87
C ALA A 93 -6.48 23.65 1.49
N THR A 94 -7.46 23.94 0.63
CA THR A 94 -7.45 23.51 -0.78
C THR A 94 -6.20 24.01 -1.53
N GLY A 95 -5.88 25.29 -1.36
CA GLY A 95 -4.65 25.87 -1.93
C GLY A 95 -3.38 25.20 -1.46
N ALA A 96 -3.29 24.91 -0.15
CA ALA A 96 -2.15 24.13 0.39
C ALA A 96 -2.03 22.70 -0.14
N PHE A 97 -3.16 22.00 -0.32
CA PHE A 97 -3.09 20.60 -0.76
C PHE A 97 -2.70 20.50 -2.24
N VAL A 98 -3.30 21.33 -3.08
CA VAL A 98 -2.99 21.35 -4.52
C VAL A 98 -1.53 21.77 -4.73
N SER A 99 -1.09 22.84 -4.05
CA SER A 99 0.31 23.25 -4.06
C SER A 99 1.27 22.11 -3.65
N TRP A 100 0.91 21.32 -2.62
CA TRP A 100 1.77 20.21 -2.16
C TRP A 100 1.88 19.15 -3.26
N ALA A 101 0.80 18.91 -3.99
CA ALA A 101 0.85 17.95 -5.12
C ALA A 101 1.73 18.44 -6.26
N LEU A 102 1.61 19.71 -6.64
CA LEU A 102 2.39 20.23 -7.76
C LEU A 102 3.90 20.29 -7.44
N ARG A 103 4.24 20.52 -6.17
CA ARG A 103 5.64 20.48 -5.69
C ARG A 103 6.20 19.06 -5.85
N GLU A 104 5.38 18.05 -5.56
CA GLU A 104 5.77 16.65 -5.80
C GLU A 104 6.08 16.36 -7.28
N VAL A 105 5.35 17.00 -8.20
CA VAL A 105 5.60 16.84 -9.63
C VAL A 105 6.97 17.43 -10.05
N GLU A 106 7.35 18.59 -9.50
CA GLU A 106 8.67 19.18 -9.75
C GLU A 106 9.80 18.24 -9.26
N ILE A 107 9.61 17.66 -8.08
CA ILE A 107 10.57 16.72 -7.52
C ILE A 107 10.73 15.47 -8.43
N CYS A 108 9.61 14.94 -8.95
CA CYS A 108 9.64 13.84 -9.93
C CYS A 108 10.48 14.19 -11.17
N ARG A 109 10.29 15.40 -11.70
CA ARG A 109 11.00 15.80 -12.90
C ARG A 109 12.52 15.90 -12.72
N LYS A 110 12.95 16.48 -11.59
CA LYS A 110 14.35 16.59 -11.28
C LYS A 110 14.99 15.18 -11.12
N LEU A 111 14.24 14.22 -10.55
CA LEU A 111 14.78 12.88 -10.31
C LEU A 111 14.59 11.87 -11.47
N GLY A 112 13.90 12.26 -12.54
CA GLY A 112 13.64 11.37 -13.66
C GLY A 112 12.79 10.14 -13.38
N ILE A 113 11.87 10.23 -12.41
CA ILE A 113 10.95 9.11 -12.07
C ILE A 113 9.52 9.33 -12.57
N GLY A 114 8.70 8.28 -12.54
CA GLY A 114 7.29 8.38 -12.88
C GLY A 114 6.46 9.27 -11.92
N TYR A 115 5.28 9.66 -12.40
CA TYR A 115 4.37 10.54 -11.66
C TYR A 115 3.32 9.88 -10.73
N HIS A 116 3.55 8.61 -10.37
CA HIS A 116 2.51 7.81 -9.68
C HIS A 116 2.18 8.36 -8.30
N ILE A 117 3.15 8.93 -7.58
CA ILE A 117 2.87 9.43 -6.20
C ILE A 117 1.88 10.61 -6.11
N PRO A 118 2.11 11.74 -6.78
CA PRO A 118 1.12 12.84 -6.82
C PRO A 118 -0.26 12.48 -7.42
N PHE A 119 -0.24 11.57 -8.38
CA PHE A 119 -1.45 11.00 -8.93
C PHE A 119 -2.31 10.29 -7.84
N ALA A 120 -1.69 9.41 -7.05
CA ALA A 120 -2.34 8.78 -5.90
C ALA A 120 -2.84 9.81 -4.85
N PHE A 121 -2.00 10.77 -4.48
CA PHE A 121 -2.37 11.79 -3.54
C PHE A 121 -3.65 12.55 -4.00
N ALA A 122 -3.82 12.74 -5.30
CA ALA A 122 -4.93 13.52 -5.81
C ALA A 122 -6.28 12.87 -5.49
N PHE A 123 -6.29 11.53 -5.26
CA PHE A 123 -7.49 10.83 -4.80
C PHE A 123 -7.89 11.26 -3.40
N ALA A 124 -6.92 11.44 -2.49
CA ALA A 124 -7.26 11.96 -1.15
C ALA A 124 -7.89 13.35 -1.21
N ILE A 125 -7.27 14.23 -1.98
CA ILE A 125 -7.78 15.60 -2.17
C ILE A 125 -9.24 15.62 -2.67
N LEU A 126 -9.52 14.72 -3.59
CA LEU A 126 -10.86 14.53 -4.08
C LEU A 126 -11.90 14.14 -3.04
N ALA A 127 -11.49 13.27 -2.11
CA ALA A 127 -12.36 12.83 -1.06
C ALA A 127 -12.71 14.01 -0.15
N TYR A 128 -11.68 14.80 0.22
CA TYR A 128 -11.88 16.06 0.96
C TYR A 128 -12.86 16.98 0.22
N LEU A 129 -12.62 17.23 -1.06
CA LEU A 129 -13.49 18.16 -1.83
C LEU A 129 -14.98 17.67 -1.98
N THR A 130 -15.17 16.36 -2.00
CA THR A 130 -16.51 15.79 -2.02
C THR A 130 -17.31 16.23 -0.75
N LEU A 131 -16.68 16.10 0.41
CA LEU A 131 -17.31 16.48 1.66
C LEU A 131 -17.52 17.99 1.87
N VAL A 132 -16.57 18.83 1.45
CA VAL A 132 -16.68 20.27 1.76
C VAL A 132 -17.14 21.15 0.62
N LEU A 133 -17.14 20.61 -0.60
CA LEU A 133 -17.52 21.40 -1.76
C LEU A 133 -18.61 20.74 -2.60
N PHE A 134 -18.39 19.54 -3.12
CA PHE A 134 -19.31 18.93 -4.09
C PHE A 134 -20.65 18.54 -3.48
N ARG A 135 -20.64 17.84 -2.34
CA ARG A 135 -21.90 17.44 -1.71
C ARG A 135 -22.71 18.66 -1.25
N PRO A 136 -22.10 19.57 -0.47
CA PRO A 136 -22.79 20.83 -0.07
C PRO A 136 -23.42 21.68 -1.21
N VAL A 137 -22.74 21.80 -2.34
CA VAL A 137 -23.31 22.53 -3.49
C VAL A 137 -24.52 21.81 -4.10
N MET A 138 -24.41 20.49 -4.29
CA MET A 138 -25.54 19.72 -4.81
C MET A 138 -26.73 19.72 -3.87
N MET A 139 -26.47 19.75 -2.56
CA MET A 139 -27.54 19.89 -1.56
C MET A 139 -28.09 21.33 -1.33
N GLY A 140 -27.37 22.35 -1.78
CA GLY A 140 -27.83 23.74 -1.65
C GLY A 140 -27.42 24.55 -0.42
N ALA A 141 -26.49 24.04 0.41
CA ALA A 141 -25.96 24.83 1.55
C ALA A 141 -24.59 24.37 2.06
N TRP A 142 -23.73 25.35 2.42
CA TRP A 142 -22.41 25.05 3.05
C TRP A 142 -22.57 24.34 4.39
N GLY A 143 -23.70 24.55 5.06
CA GLY A 143 -24.00 23.95 6.37
C GLY A 143 -24.00 22.45 6.45
N TYR A 144 -24.15 21.77 5.32
CA TYR A 144 -24.00 20.29 5.27
C TYR A 144 -22.53 19.80 5.34
N ALA A 145 -21.57 20.72 5.30
CA ALA A 145 -20.15 20.34 5.42
C ALA A 145 -19.77 20.06 6.88
N PHE A 146 -18.58 19.48 7.07
CA PHE A 146 -18.13 19.18 8.43
C PHE A 146 -17.31 20.31 9.05
N PRO A 147 -17.40 20.44 10.38
CA PRO A 147 -16.69 21.47 11.12
C PRO A 147 -15.25 21.03 11.41
N TYR A 148 -14.38 22.03 11.58
CA TYR A 148 -12.97 21.74 11.89
C TYR A 148 -12.66 21.74 13.39
N GLY A 149 -12.68 20.56 13.99
CA GLY A 149 -12.39 20.38 15.42
C GLY A 149 -12.19 18.91 15.72
N ILE A 150 -11.39 18.58 16.74
CA ILE A 150 -10.92 17.21 16.97
C ILE A 150 -12.11 16.31 17.28
N TRP A 151 -12.96 16.74 18.21
CA TRP A 151 -14.15 15.96 18.63
C TRP A 151 -15.41 16.34 17.87
N THR A 152 -15.56 17.63 17.54
CA THR A 152 -16.75 18.05 16.84
C THR A 152 -16.91 17.39 15.46
N HIS A 153 -15.80 17.01 14.79
CA HIS A 153 -15.91 16.37 13.45
C HIS A 153 -16.42 14.93 13.56
N LEU A 154 -16.13 14.23 14.67
CA LEU A 154 -16.72 12.92 14.97
C LEU A 154 -18.23 13.00 15.24
N ASP A 155 -18.65 14.05 15.94
CA ASP A 155 -20.03 14.32 16.13
C ASP A 155 -20.77 14.43 14.82
N TRP A 156 -20.17 15.15 13.86
CA TRP A 156 -20.77 15.32 12.55
C TRP A 156 -20.91 13.96 11.84
N VAL A 157 -19.92 13.09 12.02
CA VAL A 157 -19.94 11.77 11.36
C VAL A 157 -21.10 10.96 11.92
N SER A 158 -21.24 11.02 13.23
CA SER A 158 -22.31 10.32 13.94
C SER A 158 -23.74 10.82 13.62
N ASN A 159 -23.96 12.12 13.70
CA ASN A 159 -25.25 12.69 13.35
C ASN A 159 -25.61 12.54 11.87
N THR A 160 -24.63 12.66 10.97
CA THR A 160 -24.89 12.50 9.55
C THR A 160 -25.28 11.04 9.20
N GLY A 161 -24.57 10.09 9.76
CA GLY A 161 -24.93 8.69 9.57
C GLY A 161 -26.32 8.36 10.07
N TYR A 162 -26.61 8.68 11.33
CA TYR A 162 -27.90 8.33 11.95
C TYR A 162 -29.10 9.11 11.36
N THR A 163 -28.87 10.17 10.60
CA THR A 163 -29.95 10.76 9.80
C THR A 163 -30.60 9.78 8.80
N TYR A 164 -29.89 8.73 8.38
CA TYR A 164 -30.40 7.77 7.40
C TYR A 164 -30.50 6.35 8.03
N GLY A 165 -30.71 6.29 9.35
CA GLY A 165 -30.76 5.03 10.10
C GLY A 165 -29.38 4.46 10.39
N ASN A 166 -29.24 3.12 10.33
CA ASN A 166 -27.93 2.47 10.39
C ASN A 166 -27.27 2.60 9.00
N PHE A 167 -26.18 3.37 8.95
CA PHE A 167 -25.45 3.69 7.71
C PHE A 167 -24.74 2.49 7.08
N HIS A 168 -24.57 1.42 7.87
CA HIS A 168 -24.07 0.13 7.34
C HIS A 168 -24.81 -0.30 6.07
N TYR A 169 -26.08 0.08 5.94
CA TYR A 169 -26.93 -0.39 4.85
C TYR A 169 -26.73 0.35 3.51
N ASN A 170 -25.91 1.40 3.48
CA ASN A 170 -25.48 2.01 2.21
C ASN A 170 -24.59 1.00 1.42
N PRO A 171 -25.02 0.55 0.22
CA PRO A 171 -24.26 -0.49 -0.52
C PRO A 171 -22.88 -0.07 -1.04
N ALA A 172 -22.68 1.21 -1.35
CA ALA A 172 -21.39 1.72 -1.77
C ALA A 172 -20.43 1.78 -0.59
N HIS A 173 -20.98 1.94 0.60
CA HIS A 173 -20.23 2.00 1.89
C HIS A 173 -19.74 0.56 2.22
N MET A 174 -20.57 -0.43 1.92
CA MET A 174 -20.16 -1.83 2.09
C MET A 174 -18.93 -2.20 1.22
N ILE A 175 -18.91 -1.75 -0.03
CA ILE A 175 -17.81 -2.03 -0.93
C ILE A 175 -16.54 -1.31 -0.48
N ALA A 176 -16.68 -0.02 -0.15
CA ALA A 176 -15.56 0.76 0.38
C ALA A 176 -14.86 0.09 1.58
N ILE A 177 -15.64 -0.43 2.53
CA ILE A 177 -15.09 -1.14 3.71
C ILE A 177 -14.30 -2.41 3.31
N SER A 178 -14.83 -3.17 2.36
CA SER A 178 -14.16 -4.38 1.87
C SER A 178 -12.76 -4.10 1.34
N PHE A 179 -12.66 -3.04 0.56
CA PHE A 179 -11.38 -2.57 0.08
C PHE A 179 -10.43 -2.11 1.21
N PHE A 180 -10.90 -1.33 2.20
CA PHE A 180 -10.07 -0.96 3.37
C PHE A 180 -9.53 -2.19 4.14
N PHE A 181 -10.41 -3.14 4.46
CA PHE A 181 -9.99 -4.35 5.18
C PHE A 181 -9.04 -5.20 4.28
N THR A 182 -9.32 -5.30 2.97
CA THR A 182 -8.50 -6.15 2.09
C THR A 182 -7.08 -5.52 1.94
N ASN A 183 -7.02 -4.16 1.91
CA ASN A 183 -5.77 -3.43 1.78
C ASN A 183 -4.87 -3.62 2.99
N ALA A 184 -5.43 -3.61 4.18
CA ALA A 184 -4.66 -3.91 5.41
C ALA A 184 -4.17 -5.37 5.46
N LEU A 185 -4.97 -6.32 5.02
CA LEU A 185 -4.51 -7.76 4.87
C LEU A 185 -3.24 -7.92 3.96
N ALA A 186 -3.35 -7.36 2.75
CA ALA A 186 -2.28 -7.34 1.75
C ALA A 186 -1.00 -6.61 2.21
N LEU A 187 -1.14 -5.47 2.87
CA LEU A 187 0.01 -4.77 3.44
C LEU A 187 0.73 -5.60 4.51
N ALA A 188 0.00 -6.30 5.39
CA ALA A 188 0.64 -7.21 6.38
C ALA A 188 1.40 -8.34 5.69
N LEU A 189 0.77 -8.94 4.67
CA LEU A 189 1.39 -10.06 3.95
C LEU A 189 2.65 -9.63 3.18
N HIS A 190 2.58 -8.49 2.49
CA HIS A 190 3.75 -8.00 1.73
C HIS A 190 4.96 -7.73 2.61
N GLY A 191 4.75 -7.00 3.71
CA GLY A 191 5.84 -6.71 4.62
C GLY A 191 6.43 -7.95 5.29
N ALA A 192 5.55 -8.87 5.71
CA ALA A 192 5.99 -10.12 6.33
C ALA A 192 6.81 -10.95 5.34
N LEU A 193 6.36 -10.98 4.07
CA LEU A 193 6.98 -11.88 3.11
C LEU A 193 8.43 -11.42 2.80
N VAL A 194 8.59 -10.15 2.40
CA VAL A 194 9.92 -9.62 2.13
C VAL A 194 10.86 -9.78 3.35
N LEU A 195 10.37 -9.48 4.56
CA LEU A 195 11.20 -9.59 5.76
C LEU A 195 11.60 -11.03 6.10
N SER A 196 10.71 -12.00 5.81
CA SER A 196 10.96 -13.42 6.06
C SER A 196 12.03 -14.00 5.08
N ALA A 197 12.19 -13.33 3.92
CA ALA A 197 13.27 -13.68 2.95
C ALA A 197 14.59 -12.98 3.26
N ALA A 198 14.53 -11.71 3.70
CA ALA A 198 15.77 -11.00 4.03
C ALA A 198 16.40 -11.44 5.36
N ASN A 199 15.58 -12.04 6.21
CA ASN A 199 15.92 -12.44 7.60
C ASN A 199 15.46 -13.89 7.86
N PRO A 200 16.14 -14.83 7.27
CA PRO A 200 15.81 -16.26 7.42
C PRO A 200 16.14 -16.84 8.78
N GLU A 201 15.96 -18.13 8.95
CA GLU A 201 16.48 -18.80 10.16
C GLU A 201 17.98 -18.54 10.39
N LYS A 202 18.37 -18.41 11.65
CA LYS A 202 19.76 -18.11 12.07
C LYS A 202 20.80 -18.95 11.43
N GLY A 203 21.77 -18.29 10.80
CA GLY A 203 22.91 -18.97 10.16
C GLY A 203 22.72 -19.31 8.70
N LYS A 204 21.51 -19.14 8.16
CA LYS A 204 21.24 -19.45 6.76
C LYS A 204 21.43 -18.24 5.85
N GLU A 205 21.62 -18.53 4.57
CA GLU A 205 21.69 -17.50 3.53
C GLU A 205 20.36 -16.80 3.28
N MET A 206 20.43 -15.54 2.85
CA MET A 206 19.25 -14.79 2.35
C MET A 206 18.55 -15.63 1.30
N ARG A 207 17.21 -15.57 1.34
CA ARG A 207 16.39 -16.25 0.35
C ARG A 207 16.29 -15.41 -0.91
N THR A 208 15.62 -15.96 -1.93
CA THR A 208 15.46 -15.34 -3.24
C THR A 208 13.98 -15.11 -3.50
N PRO A 209 13.64 -14.25 -4.45
CA PRO A 209 12.25 -14.11 -4.85
C PRO A 209 11.59 -15.44 -5.22
N ASP A 210 12.36 -16.38 -5.76
CA ASP A 210 11.87 -17.75 -6.06
C ASP A 210 11.29 -18.43 -4.78
N HIS A 211 11.93 -18.20 -3.63
CA HIS A 211 11.45 -18.69 -2.33
C HIS A 211 10.09 -18.00 -1.94
N GLU A 212 9.96 -16.73 -2.29
CA GLU A 212 8.74 -15.96 -2.02
C GLU A 212 7.54 -16.50 -2.83
N ASP A 213 7.75 -16.77 -4.14
CA ASP A 213 6.68 -17.42 -4.98
C ASP A 213 6.37 -18.79 -4.50
N THR A 214 7.39 -19.57 -4.14
CA THR A 214 7.15 -20.91 -3.68
C THR A 214 6.29 -20.94 -2.41
N PHE A 215 6.61 -20.04 -1.47
CA PHE A 215 5.90 -19.96 -0.20
C PHE A 215 4.42 -19.79 -0.41
N PHE A 216 4.06 -18.83 -1.27
CA PHE A 216 2.64 -18.56 -1.54
C PHE A 216 1.90 -19.63 -2.37
N ARG A 217 2.61 -20.32 -3.29
CA ARG A 217 1.95 -21.41 -4.05
C ARG A 217 1.70 -22.60 -3.12
N ASP A 218 2.68 -22.98 -2.30
CA ASP A 218 2.49 -24.03 -1.29
C ASP A 218 1.29 -23.72 -0.38
N LEU A 219 1.21 -22.44 0.07
CA LEU A 219 0.13 -22.00 0.95
C LEU A 219 -1.28 -21.88 0.32
N VAL A 220 -1.46 -21.15 -0.78
CA VAL A 220 -2.80 -20.96 -1.36
C VAL A 220 -2.92 -21.32 -2.83
N GLY A 221 -1.91 -21.97 -3.40
CA GLY A 221 -1.97 -22.36 -4.80
C GLY A 221 -1.76 -21.22 -5.80
N TYR A 222 -1.45 -20.01 -5.35
CA TYR A 222 -1.20 -18.92 -6.30
C TYR A 222 -0.24 -17.88 -5.71
N SER A 223 0.62 -17.34 -6.55
CA SER A 223 1.47 -16.17 -6.20
C SER A 223 1.34 -15.09 -7.26
N ILE A 224 1.10 -13.87 -6.85
CA ILE A 224 0.89 -12.78 -7.79
C ILE A 224 2.22 -12.15 -8.31
N GLY A 225 3.32 -12.39 -7.59
CA GLY A 225 4.65 -11.89 -7.99
C GLY A 225 4.99 -10.49 -7.49
N THR A 226 6.25 -10.12 -7.65
CA THR A 226 6.81 -8.96 -7.00
C THR A 226 6.39 -7.66 -7.66
N LEU A 227 6.18 -7.66 -8.98
CA LEU A 227 5.62 -6.46 -9.60
C LEU A 227 4.09 -6.36 -9.25
N GLY A 228 3.41 -7.51 -9.33
CA GLY A 228 1.98 -7.59 -9.11
C GLY A 228 1.48 -7.10 -7.76
N ILE A 229 2.22 -7.38 -6.70
CA ILE A 229 1.81 -6.98 -5.35
C ILE A 229 1.86 -5.47 -5.12
N HIS A 230 2.75 -4.78 -5.82
CA HIS A 230 2.85 -3.30 -5.75
C HIS A 230 1.73 -2.62 -6.58
N ARG A 231 1.43 -3.18 -7.74
CA ARG A 231 0.26 -2.81 -8.49
C ARG A 231 -1.04 -3.00 -7.65
N LEU A 232 -1.17 -4.17 -7.00
CA LEU A 232 -2.34 -4.49 -6.21
C LEU A 232 -2.57 -3.51 -5.05
N GLY A 233 -1.53 -3.21 -4.28
CA GLY A 233 -1.66 -2.31 -3.12
C GLY A 233 -2.08 -0.92 -3.54
N LEU A 234 -1.55 -0.46 -4.67
CA LEU A 234 -1.90 0.85 -5.19
C LEU A 234 -3.42 0.86 -5.52
N LEU A 235 -3.87 -0.21 -6.15
CA LEU A 235 -5.26 -0.34 -6.57
C LEU A 235 -6.33 -0.53 -5.46
N LEU A 236 -6.03 -1.39 -4.49
CA LEU A 236 -6.92 -1.57 -3.37
C LEU A 236 -7.13 -0.20 -2.62
N SER A 237 -6.04 0.49 -2.37
CA SER A 237 -6.00 1.73 -1.62
C SER A 237 -6.76 2.85 -2.33
N LEU A 238 -6.56 3.00 -3.64
CA LEU A 238 -7.29 4.02 -4.35
C LEU A 238 -8.79 3.69 -4.52
N SER A 239 -9.12 2.41 -4.62
CA SER A 239 -10.50 1.95 -4.83
C SER A 239 -11.31 2.19 -3.54
N ALA A 240 -10.69 1.92 -2.40
CA ALA A 240 -11.28 2.24 -1.10
C ALA A 240 -11.73 3.74 -1.00
N VAL A 241 -10.85 4.63 -1.37
CA VAL A 241 -11.17 6.05 -1.38
C VAL A 241 -12.14 6.42 -2.50
N PHE A 242 -12.09 5.76 -3.65
CA PHE A 242 -13.05 6.10 -4.70
C PHE A 242 -14.51 5.78 -4.22
N PHE A 243 -14.71 4.59 -3.65
CA PHE A 243 -16.03 4.15 -3.22
C PHE A 243 -16.51 4.93 -1.95
N SER A 244 -15.58 5.42 -1.14
CA SER A 244 -15.92 6.31 -0.01
C SER A 244 -16.53 7.61 -0.54
N ALA A 245 -15.85 8.28 -1.46
CA ALA A 245 -16.43 9.48 -2.07
C ALA A 245 -17.78 9.24 -2.74
N LEU A 246 -17.89 8.11 -3.45
CA LEU A 246 -19.14 7.78 -4.14
C LEU A 246 -20.32 7.56 -3.14
N CYS A 247 -20.03 6.86 -2.01
CA CYS A 247 -21.05 6.52 -1.04
C CYS A 247 -21.62 7.76 -0.34
N MET A 248 -20.83 8.84 -0.27
CA MET A 248 -21.33 10.14 0.22
C MET A 248 -21.93 11.09 -0.85
N ILE A 249 -21.45 11.07 -2.09
CA ILE A 249 -22.02 11.95 -3.13
C ILE A 249 -23.51 11.60 -3.43
N ILE A 250 -23.91 10.35 -3.21
CA ILE A 250 -25.29 9.92 -3.43
C ILE A 250 -26.23 10.08 -2.23
N THR A 251 -25.68 10.36 -1.05
CA THR A 251 -26.45 10.43 0.19
C THR A 251 -26.93 11.86 0.41
N GLY A 252 -28.22 12.06 0.44
CA GLY A 252 -28.80 13.40 0.56
C GLY A 252 -29.15 14.01 -0.77
N THR A 253 -28.78 13.37 -1.88
CA THR A 253 -29.01 13.90 -3.23
C THR A 253 -29.89 12.95 -4.01
N ILE A 254 -29.39 11.83 -4.50
CA ILE A 254 -30.32 10.90 -5.16
C ILE A 254 -31.10 10.07 -4.12
N TRP A 255 -30.48 9.76 -2.99
CA TRP A 255 -31.16 9.00 -1.93
C TRP A 255 -31.14 9.75 -0.60
N PHE A 256 -32.32 9.98 0.00
CA PHE A 256 -32.43 10.74 1.27
C PHE A 256 -33.37 10.12 2.35
N ASP A 257 -33.85 8.91 2.13
CA ASP A 257 -34.63 8.16 3.09
C ASP A 257 -33.71 7.22 3.90
N GLN A 258 -34.28 6.29 4.68
CA GLN A 258 -33.48 5.33 5.45
C GLN A 258 -32.80 4.34 4.53
N TRP A 259 -31.49 4.13 4.67
CA TRP A 259 -30.78 3.18 3.79
C TRP A 259 -31.27 1.72 3.92
N VAL A 260 -31.75 1.29 5.09
CA VAL A 260 -32.26 -0.07 5.18
C VAL A 260 -33.40 -0.30 4.17
N ASP A 261 -34.19 0.72 3.90
CA ASP A 261 -35.37 0.59 3.03
C ASP A 261 -35.06 0.43 1.55
N TRP A 262 -33.87 0.83 1.13
CA TRP A 262 -33.44 0.66 -0.25
C TRP A 262 -33.49 -0.82 -0.71
N TRP A 263 -33.15 -1.76 0.18
CA TRP A 263 -33.08 -3.18 -0.13
C TRP A 263 -34.43 -3.83 -0.45
N GLN A 264 -35.52 -3.08 -0.27
CA GLN A 264 -36.85 -3.60 -0.64
C GLN A 264 -36.96 -3.83 -2.16
N TRP A 265 -36.11 -3.21 -2.97
CA TRP A 265 -36.11 -3.48 -4.43
C TRP A 265 -35.86 -4.97 -4.71
N TRP A 266 -34.88 -5.54 -4.04
CA TRP A 266 -34.54 -6.94 -4.17
C TRP A 266 -35.69 -7.82 -3.73
N VAL A 267 -36.28 -7.57 -2.55
CA VAL A 267 -37.24 -8.53 -2.00
C VAL A 267 -38.62 -8.48 -2.69
N LYS A 268 -38.91 -7.36 -3.36
CA LYS A 268 -40.21 -7.14 -4.04
C LYS A 268 -40.22 -7.51 -5.54
N LEU A 269 -39.11 -8.05 -6.07
CA LEU A 269 -39.13 -8.57 -7.44
C LEU A 269 -40.30 -9.57 -7.55
N PRO A 270 -41.14 -9.44 -8.59
CA PRO A 270 -42.45 -10.14 -8.65
C PRO A 270 -42.39 -11.69 -8.64
N TRP A 271 -41.28 -12.26 -9.12
CA TRP A 271 -40.99 -13.71 -9.08
C TRP A 271 -41.23 -14.31 -7.69
N TRP A 272 -40.64 -13.68 -6.67
CA TRP A 272 -40.73 -14.19 -5.29
C TRP A 272 -41.46 -13.27 -4.29
N ALA A 273 -41.79 -12.04 -4.71
CA ALA A 273 -42.39 -11.06 -3.81
C ALA A 273 -43.53 -11.61 -2.94
N ASN A 274 -44.33 -12.55 -3.45
CA ASN A 274 -45.52 -13.02 -2.71
C ASN A 274 -45.49 -14.44 -2.14
N ILE A 275 -44.44 -15.20 -2.45
CA ILE A 275 -44.29 -16.57 -1.94
C ILE A 275 -44.20 -16.52 -0.41
N PRO A 276 -44.98 -17.32 0.33
CA PRO A 276 -44.97 -17.24 1.80
C PRO A 276 -43.74 -17.89 2.46
N GLY A 277 -43.51 -17.52 3.72
CA GLY A 277 -42.41 -18.07 4.50
C GLY A 277 -41.20 -17.15 4.54
N GLY A 278 -40.04 -17.75 4.82
CA GLY A 278 -38.80 -17.01 5.02
C GLY A 278 -38.92 -15.98 6.12
N ILE A 279 -38.19 -14.88 5.95
CA ILE A 279 -38.13 -13.77 6.88
C ILE A 279 -39.14 -12.67 6.50
N ASN A 280 -39.37 -12.50 5.19
CA ASN A 280 -40.15 -11.40 4.60
C ASN A 280 -41.46 -11.84 3.92
N GLY A 281 -42.18 -12.75 4.58
CA GLY A 281 -43.40 -13.29 4.01
C GLY A 281 -44.04 -14.19 5.05
N ALA B 1 1.52 9.44 -24.46
CA ALA B 1 1.99 9.48 -23.02
C ALA B 1 3.05 8.39 -22.69
N GLU B 2 3.77 8.61 -21.59
CA GLU B 2 4.62 7.55 -21.02
C GLU B 2 3.73 6.28 -20.72
N TYR B 3 4.28 5.10 -20.97
CA TYR B 3 3.77 3.85 -20.37
C TYR B 3 3.80 3.95 -18.82
N GLN B 4 2.76 3.47 -18.14
CA GLN B 4 2.64 3.61 -16.67
C GLN B 4 2.94 2.34 -15.84
N ASN B 5 2.99 1.18 -16.49
CA ASN B 5 3.29 -0.10 -15.85
C ASN B 5 2.21 -0.59 -14.88
N ILE B 6 0.94 -0.27 -15.14
CA ILE B 6 -0.19 -0.85 -14.39
C ILE B 6 -0.60 -2.23 -14.95
N PHE B 7 -0.70 -2.32 -16.28
CA PHE B 7 -0.79 -3.61 -17.02
C PHE B 7 0.42 -3.84 -17.92
N SER B 8 0.77 -5.11 -18.14
CA SER B 8 1.90 -5.49 -19.00
C SER B 8 1.52 -5.34 -20.45
N GLN B 9 2.45 -4.94 -21.30
CA GLN B 9 2.15 -4.79 -22.74
C GLN B 9 2.30 -6.09 -23.53
N VAL B 10 3.22 -6.96 -23.09
CA VAL B 10 3.51 -8.26 -23.70
C VAL B 10 3.64 -9.32 -22.60
N GLN B 11 3.01 -10.47 -22.81
CA GLN B 11 3.21 -11.61 -21.91
C GLN B 11 4.17 -12.62 -22.54
N VAL B 12 4.91 -13.28 -21.67
CA VAL B 12 5.95 -14.24 -22.07
C VAL B 12 5.75 -15.50 -21.20
N ARG B 13 5.85 -16.67 -21.78
CA ARG B 13 5.66 -17.87 -20.98
C ARG B 13 6.71 -18.96 -21.24
N GLY B 14 7.07 -19.68 -20.18
CA GLY B 14 7.99 -20.83 -20.27
C GLY B 14 7.43 -22.09 -19.59
N PRO B 15 8.24 -23.12 -19.41
CA PRO B 15 7.83 -24.32 -18.70
C PRO B 15 7.30 -24.07 -17.28
N ALA B 16 6.30 -24.82 -16.86
CA ALA B 16 5.74 -24.68 -15.53
C ALA B 16 6.84 -24.71 -14.44
N ASP B 17 6.81 -23.77 -13.50
CA ASP B 17 7.77 -23.77 -12.41
C ASP B 17 7.30 -24.61 -11.21
N LEU B 18 8.03 -25.71 -10.95
CA LEU B 18 7.72 -26.58 -9.79
C LEU B 18 8.19 -26.00 -8.43
N GLY B 19 9.00 -24.95 -8.46
CA GLY B 19 9.42 -24.28 -7.24
C GLY B 19 10.67 -24.80 -6.56
N MET B 20 11.15 -24.07 -5.55
CA MET B 20 12.27 -24.49 -4.69
C MET B 20 11.88 -25.71 -3.85
N THR B 21 12.88 -26.49 -3.47
CA THR B 21 12.69 -27.74 -2.74
C THR B 21 13.06 -27.60 -1.26
N GLU B 22 14.30 -27.21 -0.95
CA GLU B 22 14.78 -27.11 0.43
C GLU B 22 14.33 -28.40 1.18
N ASP B 23 13.67 -28.28 2.33
CA ASP B 23 13.25 -29.43 3.11
C ASP B 23 11.78 -29.83 2.93
N VAL B 24 11.13 -29.34 1.89
CA VAL B 24 9.71 -29.63 1.68
C VAL B 24 9.52 -31.09 1.27
N ASN B 25 8.55 -31.78 1.87
CA ASN B 25 8.16 -33.11 1.38
C ASN B 25 7.38 -33.04 0.06
N LEU B 26 8.06 -33.37 -1.04
CA LEU B 26 7.52 -33.25 -2.42
C LEU B 26 6.37 -34.22 -2.74
N ALA B 27 6.29 -35.33 -2.01
CA ALA B 27 5.18 -36.25 -2.18
C ALA B 27 3.84 -35.56 -1.88
N ASN B 28 3.85 -34.46 -1.14
CA ASN B 28 2.61 -33.75 -0.81
C ASN B 28 2.27 -32.50 -1.66
N ARG B 29 3.00 -32.25 -2.74
CA ARG B 29 2.64 -31.15 -3.64
C ARG B 29 1.75 -31.70 -4.73
N SER B 30 0.77 -30.91 -5.15
CA SER B 30 -0.09 -31.28 -6.29
C SER B 30 0.71 -31.09 -7.56
N GLY B 31 0.05 -31.40 -8.68
CA GLY B 31 0.51 -30.99 -9.99
C GLY B 31 0.17 -29.52 -10.23
N VAL B 32 0.78 -28.96 -11.27
CA VAL B 32 0.54 -27.59 -11.67
C VAL B 32 -0.84 -27.47 -12.29
N GLY B 33 -1.46 -26.30 -12.12
CA GLY B 33 -2.78 -26.01 -12.71
C GLY B 33 -2.57 -25.44 -14.08
N PRO B 34 -3.63 -24.90 -14.69
CA PRO B 34 -3.53 -24.25 -15.99
C PRO B 34 -2.99 -22.82 -15.87
N PHE B 35 -2.54 -22.25 -16.98
CA PHE B 35 -2.10 -20.86 -17.01
C PHE B 35 -3.27 -19.92 -17.31
N SER B 36 -3.36 -18.78 -16.63
CA SER B 36 -4.40 -17.76 -16.94
C SER B 36 -3.84 -16.50 -17.62
N THR B 37 -4.20 -16.32 -18.88
CA THR B 37 -3.84 -15.12 -19.62
C THR B 37 -4.43 -13.85 -19.01
N LEU B 38 -5.67 -13.96 -18.52
CA LEU B 38 -6.34 -12.89 -17.84
C LEU B 38 -5.52 -12.39 -16.66
N LEU B 39 -5.17 -13.27 -15.71
CA LEU B 39 -4.34 -12.86 -14.55
C LEU B 39 -2.95 -12.32 -14.96
N GLY B 40 -2.41 -12.87 -16.04
CA GLY B 40 -1.08 -12.50 -16.54
C GLY B 40 -0.89 -11.07 -16.99
N TRP B 41 -1.99 -10.36 -17.28
CA TRP B 41 -1.92 -8.92 -17.57
C TRP B 41 -1.53 -8.09 -16.36
N PHE B 42 -1.75 -8.63 -15.16
CA PHE B 42 -1.59 -7.86 -13.91
C PHE B 42 -0.49 -8.44 -12.99
N GLY B 43 -0.36 -9.77 -13.01
CA GLY B 43 0.67 -10.49 -12.27
C GLY B 43 1.04 -11.78 -12.96
N ASN B 44 1.41 -12.78 -12.17
CA ASN B 44 1.77 -14.10 -12.71
C ASN B 44 0.56 -14.84 -13.30
N ALA B 45 0.80 -15.62 -14.35
CA ALA B 45 -0.24 -16.44 -15.00
C ALA B 45 -0.38 -17.88 -14.45
N GLN B 46 0.66 -18.38 -13.77
CA GLN B 46 0.68 -19.78 -13.35
C GLN B 46 -0.22 -20.03 -12.13
N LEU B 47 -1.09 -21.03 -12.22
CA LEU B 47 -1.85 -21.51 -11.08
C LEU B 47 -1.27 -22.84 -10.64
N GLY B 48 -1.13 -23.02 -9.33
CA GLY B 48 -0.50 -24.23 -8.77
C GLY B 48 1.03 -24.28 -8.93
N PRO B 49 1.68 -25.31 -8.36
CA PRO B 49 1.01 -26.33 -7.56
C PRO B 49 0.69 -25.84 -6.15
N ILE B 50 0.01 -26.68 -5.39
CA ILE B 50 -0.28 -26.37 -3.99
C ILE B 50 0.19 -27.52 -3.08
N TYR B 51 0.58 -27.18 -1.86
CA TYR B 51 1.02 -28.18 -0.88
C TYR B 51 -0.23 -28.64 -0.08
N LEU B 52 -0.35 -29.92 0.23
CA LEU B 52 -1.49 -30.34 0.99
C LEU B 52 -1.15 -31.52 1.84
N GLY B 53 -0.82 -31.28 3.10
CA GLY B 53 -0.51 -32.38 4.03
C GLY B 53 -1.67 -32.59 4.99
N SER B 54 -1.36 -33.12 6.18
CA SER B 54 -2.39 -33.51 7.15
C SER B 54 -3.16 -32.33 7.73
N LEU B 55 -2.46 -31.21 7.86
CA LEU B 55 -2.97 -30.05 8.57
C LEU B 55 -3.84 -29.21 7.62
N GLY B 56 -3.50 -29.26 6.33
CA GLY B 56 -4.31 -28.61 5.30
C GLY B 56 -5.62 -29.35 5.03
N VAL B 57 -5.57 -30.67 5.03
CA VAL B 57 -6.79 -31.47 4.84
C VAL B 57 -7.72 -31.21 6.02
N LEU B 58 -7.19 -31.20 7.23
CA LEU B 58 -7.98 -30.93 8.43
C LEU B 58 -8.67 -29.54 8.38
N SER B 59 -7.89 -28.52 8.04
CA SER B 59 -8.39 -27.16 7.94
C SER B 59 -9.54 -27.08 6.92
N LEU B 60 -9.33 -27.64 5.73
CA LEU B 60 -10.39 -27.70 4.69
C LEU B 60 -11.63 -28.48 5.11
N PHE B 61 -11.44 -29.68 5.64
CA PHE B 61 -12.58 -30.43 6.07
C PHE B 61 -13.42 -29.63 7.08
N SER B 62 -12.81 -29.05 8.12
CA SER B 62 -13.62 -28.34 9.13
C SER B 62 -14.16 -27.03 8.61
N GLY B 63 -13.41 -26.37 7.75
CA GLY B 63 -13.88 -25.16 7.07
C GLY B 63 -15.20 -25.35 6.31
N LEU B 64 -15.31 -26.45 5.57
CA LEU B 64 -16.54 -26.84 4.86
C LEU B 64 -17.67 -27.27 5.79
N MET B 65 -17.35 -27.92 6.90
CA MET B 65 -18.37 -28.30 7.87
C MET B 65 -19.03 -27.07 8.54
N TRP B 66 -18.23 -26.03 8.75
CA TRP B 66 -18.71 -24.76 9.29
C TRP B 66 -19.70 -24.09 8.34
N PHE B 67 -19.29 -23.99 7.07
CA PHE B 67 -20.12 -23.53 5.95
C PHE B 67 -21.44 -24.31 5.80
N PHE B 68 -21.39 -25.65 5.75
CA PHE B 68 -22.61 -26.46 5.56
C PHE B 68 -23.50 -26.42 6.81
N THR B 69 -22.93 -26.22 7.99
CA THR B 69 -23.74 -26.07 9.22
C THR B 69 -24.60 -24.81 9.14
N ILE B 70 -23.98 -23.70 8.76
CA ILE B 70 -24.70 -22.45 8.51
C ILE B 70 -25.73 -22.62 7.37
N GLY B 71 -25.31 -23.26 6.28
CA GLY B 71 -26.15 -23.44 5.08
C GLY B 71 -27.43 -24.21 5.29
N ILE B 72 -27.37 -25.36 5.98
CA ILE B 72 -28.61 -26.06 6.26
C ILE B 72 -29.54 -25.26 7.16
N TRP B 73 -29.01 -24.46 8.09
CA TRP B 73 -29.88 -23.65 8.95
C TRP B 73 -30.64 -22.62 8.11
N PHE B 74 -29.91 -21.93 7.22
CA PHE B 74 -30.55 -20.98 6.30
C PHE B 74 -31.69 -21.63 5.48
N TRP B 75 -31.41 -22.81 4.88
CA TRP B 75 -32.41 -23.59 4.12
C TRP B 75 -33.67 -23.89 4.92
N TYR B 76 -33.48 -24.30 6.16
CA TYR B 76 -34.57 -24.54 7.09
C TYR B 76 -35.39 -23.28 7.49
N GLN B 77 -34.74 -22.11 7.57
CA GLN B 77 -35.46 -20.84 7.78
C GLN B 77 -36.26 -20.47 6.52
N ALA B 78 -35.73 -20.84 5.36
CA ALA B 78 -36.42 -20.65 4.07
C ALA B 78 -37.54 -21.68 3.78
N GLY B 79 -37.83 -22.57 4.74
CA GLY B 79 -38.83 -23.62 4.53
C GLY B 79 -38.54 -24.57 3.38
N TRP B 80 -37.25 -24.75 3.07
CA TRP B 80 -36.78 -25.60 1.94
C TRP B 80 -37.12 -25.08 0.53
N ASN B 81 -37.69 -23.88 0.43
CA ASN B 81 -38.07 -23.30 -0.86
C ASN B 81 -36.92 -22.48 -1.43
N PRO B 82 -36.38 -22.85 -2.60
CA PRO B 82 -35.21 -22.13 -3.15
C PRO B 82 -35.47 -20.70 -3.64
N ALA B 83 -36.72 -20.34 -3.90
CA ALA B 83 -37.09 -18.97 -4.24
C ALA B 83 -36.91 -18.07 -3.01
N VAL B 84 -37.55 -18.47 -1.90
CA VAL B 84 -37.38 -17.83 -0.60
C VAL B 84 -35.90 -17.77 -0.16
N PHE B 85 -35.14 -18.83 -0.43
CA PHE B 85 -33.73 -18.91 -0.05
C PHE B 85 -32.92 -17.78 -0.67
N LEU B 86 -33.13 -17.52 -1.96
CA LEU B 86 -32.38 -16.43 -2.63
C LEU B 86 -32.96 -15.05 -2.28
N ARG B 87 -34.27 -15.00 -2.08
CA ARG B 87 -34.92 -13.75 -1.74
C ARG B 87 -34.43 -13.21 -0.39
N ASP B 88 -34.44 -14.05 0.65
CA ASP B 88 -34.11 -13.63 2.02
C ASP B 88 -32.68 -13.94 2.51
N LEU B 89 -31.78 -14.27 1.58
CA LEU B 89 -30.42 -14.71 1.92
C LEU B 89 -29.66 -13.81 2.92
N PHE B 90 -29.76 -12.50 2.72
CA PHE B 90 -28.98 -11.53 3.53
C PHE B 90 -29.61 -11.33 4.93
N PHE B 91 -30.84 -11.84 5.12
CA PHE B 91 -31.65 -11.68 6.33
C PHE B 91 -31.65 -12.88 7.25
N PHE B 92 -31.25 -14.06 6.78
CA PHE B 92 -31.21 -15.26 7.64
C PHE B 92 -30.08 -15.08 8.66
N SER B 93 -30.20 -15.76 9.80
CA SER B 93 -29.24 -15.60 10.89
C SER B 93 -29.23 -16.80 11.82
N LEU B 94 -28.04 -17.37 12.07
CA LEU B 94 -27.79 -18.36 13.12
C LEU B 94 -27.31 -17.65 14.41
N GLU B 95 -28.14 -17.69 15.44
CA GLU B 95 -27.98 -16.87 16.66
C GLU B 95 -27.40 -17.71 17.82
N PRO B 96 -26.62 -17.12 18.73
CA PRO B 96 -26.07 -17.86 19.86
C PRO B 96 -27.15 -18.22 20.87
N PRO B 97 -26.85 -19.03 21.89
CA PRO B 97 -27.87 -19.37 22.87
C PRO B 97 -28.25 -18.16 23.71
N ALA B 98 -29.42 -18.24 24.32
CA ALA B 98 -29.96 -17.15 25.12
C ALA B 98 -29.21 -17.04 26.46
N PRO B 99 -29.28 -15.86 27.10
CA PRO B 99 -28.58 -15.63 28.36
C PRO B 99 -28.87 -16.72 29.41
N GLU B 100 -30.10 -17.21 29.38
CA GLU B 100 -30.59 -18.29 30.26
C GLU B 100 -29.55 -19.41 30.46
N TYR B 101 -28.86 -19.80 29.38
CA TYR B 101 -28.00 -21.01 29.36
C TYR B 101 -26.55 -20.74 29.77
N GLY B 102 -26.24 -19.46 29.97
CA GLY B 102 -24.89 -19.03 30.33
C GLY B 102 -23.81 -19.59 29.42
N LEU B 103 -22.83 -20.27 30.03
CA LEU B 103 -21.72 -20.87 29.31
C LEU B 103 -21.91 -22.38 29.09
N SER B 104 -23.06 -22.96 29.44
CA SER B 104 -23.23 -24.41 29.26
C SER B 104 -23.38 -24.81 27.80
N PHE B 105 -23.05 -26.06 27.50
CA PHE B 105 -23.36 -26.66 26.20
C PHE B 105 -24.68 -27.48 26.22
N ALA B 106 -25.62 -27.13 27.10
CA ALA B 106 -26.86 -27.88 27.26
C ALA B 106 -28.07 -27.39 26.42
N ALA B 107 -27.90 -26.32 25.64
CA ALA B 107 -29.00 -25.71 24.86
C ALA B 107 -29.43 -26.59 23.67
N PRO B 108 -30.70 -26.55 23.27
CA PRO B 108 -31.16 -27.36 22.14
C PRO B 108 -30.62 -26.84 20.80
N LEU B 109 -30.60 -27.74 19.81
CA LEU B 109 -30.13 -27.42 18.47
C LEU B 109 -30.79 -26.19 17.88
N LYS B 110 -32.12 -26.13 17.96
CA LYS B 110 -32.86 -25.01 17.36
C LYS B 110 -32.68 -23.68 18.08
N GLU B 111 -32.08 -23.71 19.28
CA GLU B 111 -32.01 -22.53 20.12
C GLU B 111 -30.63 -22.27 20.72
N GLY B 112 -29.59 -22.47 19.91
CA GLY B 112 -28.21 -22.20 20.32
C GLY B 112 -27.22 -23.34 20.07
N GLY B 113 -27.75 -24.58 20.07
CA GLY B 113 -26.94 -25.77 19.87
C GLY B 113 -26.14 -25.77 18.59
N LEU B 114 -26.80 -25.41 17.49
CA LEU B 114 -26.12 -25.30 16.20
C LEU B 114 -25.07 -24.19 16.14
N TRP B 115 -25.31 -23.06 16.80
CA TRP B 115 -24.32 -22.00 16.90
C TRP B 115 -22.99 -22.55 17.48
N LEU B 116 -23.09 -23.42 18.49
CA LEU B 116 -21.90 -23.98 19.17
C LEU B 116 -21.17 -24.96 18.28
N ILE B 117 -21.93 -25.82 17.59
CA ILE B 117 -21.34 -26.71 16.61
C ILE B 117 -20.54 -25.94 15.52
N ALA B 118 -21.14 -24.89 14.95
CA ALA B 118 -20.49 -24.08 13.92
C ALA B 118 -19.22 -23.38 14.44
N SER B 119 -19.28 -22.87 15.68
CA SER B 119 -18.10 -22.22 16.29
C SER B 119 -16.96 -23.23 16.58
N PHE B 120 -17.30 -24.42 17.05
CA PHE B 120 -16.30 -25.49 17.19
C PHE B 120 -15.50 -25.67 15.89
N PHE B 121 -16.22 -25.81 14.76
CA PHE B 121 -15.61 -26.11 13.48
C PHE B 121 -14.77 -24.96 12.94
N MET B 122 -15.20 -23.74 13.22
CA MET B 122 -14.45 -22.56 12.80
C MET B 122 -13.12 -22.42 13.55
N PHE B 123 -13.21 -22.65 14.87
CA PHE B 123 -12.06 -22.68 15.77
C PHE B 123 -10.99 -23.68 15.26
N VAL B 124 -11.34 -24.92 14.93
CA VAL B 124 -10.28 -25.82 14.43
C VAL B 124 -9.78 -25.44 13.02
N ALA B 125 -10.67 -25.02 12.13
CA ALA B 125 -10.26 -24.56 10.80
C ALA B 125 -9.20 -23.44 10.82
N VAL B 126 -9.41 -22.44 11.67
CA VAL B 126 -8.51 -21.27 11.76
C VAL B 126 -7.15 -21.61 12.42
N TRP B 127 -7.18 -22.31 13.56
CA TRP B 127 -5.94 -22.59 14.29
C TRP B 127 -5.06 -23.56 13.48
N SER B 128 -5.67 -24.50 12.73
CA SER B 128 -4.88 -25.40 11.91
C SER B 128 -4.30 -24.69 10.69
N TRP B 129 -5.04 -23.73 10.14
CA TRP B 129 -4.49 -22.86 9.08
C TRP B 129 -3.28 -22.03 9.55
N TRP B 130 -3.32 -21.59 10.81
CA TRP B 130 -2.24 -20.85 11.47
C TRP B 130 -1.00 -21.75 11.56
N GLY B 131 -1.17 -22.96 12.07
CA GLY B 131 -0.06 -23.91 12.12
C GLY B 131 0.60 -24.15 10.76
N ARG B 132 -0.21 -24.18 9.72
CA ARG B 132 0.30 -24.42 8.38
C ARG B 132 1.11 -23.21 7.84
N THR B 133 0.76 -21.97 8.20
CA THR B 133 1.60 -20.84 7.78
C THR B 133 2.97 -20.84 8.48
N TYR B 134 3.02 -21.39 9.68
CA TYR B 134 4.29 -21.54 10.40
C TYR B 134 5.18 -22.61 9.72
N LEU B 135 4.61 -23.81 9.53
CA LEU B 135 5.31 -24.96 8.98
C LEU B 135 5.78 -24.80 7.54
N ARG B 136 4.99 -24.13 6.70
CA ARG B 136 5.38 -23.93 5.30
C ARG B 136 6.59 -22.98 5.21
N ALA B 137 6.70 -22.03 6.15
CA ALA B 137 7.87 -21.15 6.24
C ALA B 137 9.14 -21.89 6.70
N GLN B 138 8.97 -22.75 7.68
CA GLN B 138 10.08 -23.55 8.26
C GLN B 138 10.66 -24.52 7.24
N ALA B 139 9.81 -25.13 6.42
CA ALA B 139 10.30 -26.09 5.41
C ALA B 139 11.18 -25.44 4.38
N LEU B 140 11.03 -24.13 4.19
CA LEU B 140 11.83 -23.36 3.23
C LEU B 140 13.00 -22.54 3.86
N GLY B 141 13.19 -22.67 5.18
CA GLY B 141 14.26 -21.96 5.93
C GLY B 141 14.04 -20.46 6.19
N MET B 142 12.80 -20.00 6.01
CA MET B 142 12.43 -18.57 6.15
C MET B 142 12.02 -18.18 7.58
N GLY B 143 12.07 -16.89 7.84
CA GLY B 143 11.59 -16.34 9.10
C GLY B 143 10.08 -16.51 9.26
N LYS B 144 9.60 -16.27 10.50
CA LYS B 144 8.22 -16.60 10.87
C LYS B 144 7.26 -15.42 10.91
N HIS B 145 7.63 -14.37 10.18
CA HIS B 145 6.93 -13.10 10.16
C HIS B 145 5.47 -13.23 9.74
N THR B 146 5.17 -14.03 8.72
CA THR B 146 3.78 -14.23 8.27
C THR B 146 2.90 -14.82 9.42
N ALA B 147 3.41 -15.82 10.14
CA ALA B 147 2.66 -16.42 11.24
C ALA B 147 2.46 -15.45 12.40
N TRP B 148 3.48 -14.66 12.74
CA TRP B 148 3.29 -13.65 13.79
C TRP B 148 2.29 -12.57 13.39
N ALA B 149 2.34 -12.07 12.16
CA ALA B 149 1.36 -11.07 11.74
C ALA B 149 -0.11 -11.64 11.73
N PHE B 150 -0.26 -12.89 11.30
CA PHE B 150 -1.61 -13.53 11.25
C PHE B 150 -2.16 -13.68 12.68
N LEU B 151 -1.28 -13.94 13.62
CA LEU B 151 -1.68 -13.99 15.02
C LEU B 151 -2.40 -12.70 15.54
N SER B 152 -2.00 -11.54 15.03
CA SER B 152 -2.66 -10.27 15.39
C SER B 152 -4.10 -10.21 14.90
N ALA B 153 -4.39 -10.80 13.73
CA ALA B 153 -5.78 -10.88 13.24
C ALA B 153 -6.62 -11.88 14.03
N ILE B 154 -6.00 -13.00 14.38
CA ILE B 154 -6.63 -14.04 15.20
C ILE B 154 -7.04 -13.51 16.58
N TRP B 155 -6.25 -12.56 17.10
CA TRP B 155 -6.51 -11.94 18.42
C TRP B 155 -7.90 -11.27 18.45
N LEU B 156 -8.19 -10.41 17.48
CA LEU B 156 -9.50 -9.73 17.43
C LEU B 156 -10.70 -10.68 17.30
N TRP B 157 -10.61 -11.65 16.40
CA TRP B 157 -11.61 -12.71 16.25
C TRP B 157 -11.84 -13.52 17.55
N MET B 158 -10.75 -13.91 18.21
CA MET B 158 -10.77 -14.64 19.48
C MET B 158 -11.46 -13.85 20.59
N VAL B 159 -11.17 -12.56 20.66
CA VAL B 159 -11.79 -11.70 21.66
C VAL B 159 -13.31 -11.59 21.42
N LEU B 160 -13.70 -11.37 20.15
CA LEU B 160 -15.13 -11.19 19.81
C LEU B 160 -16.00 -12.41 20.04
N GLY B 161 -15.48 -13.59 19.72
CA GLY B 161 -16.27 -14.81 19.74
C GLY B 161 -16.08 -15.75 20.91
N PHE B 162 -14.96 -15.63 21.63
CA PHE B 162 -14.62 -16.59 22.68
C PHE B 162 -14.23 -15.95 24.02
N ILE B 163 -13.17 -15.17 24.05
CA ILE B 163 -12.63 -14.64 25.33
C ILE B 163 -13.58 -13.66 26.06
N ARG B 164 -14.07 -12.64 25.36
CA ARG B 164 -15.05 -11.71 25.95
C ARG B 164 -16.36 -12.37 26.42
N PRO B 165 -17.01 -13.21 25.61
CA PRO B 165 -18.14 -14.03 26.13
C PRO B 165 -17.82 -14.87 27.39
N ILE B 166 -16.65 -15.53 27.48
CA ILE B 166 -16.27 -16.33 28.67
C ILE B 166 -16.28 -15.42 29.92
N LEU B 167 -15.52 -14.32 29.83
CA LEU B 167 -15.38 -13.33 30.89
C LEU B 167 -16.68 -12.65 31.27
N MET B 168 -17.65 -12.48 30.35
CA MET B 168 -18.98 -11.98 30.74
C MET B 168 -19.91 -13.05 31.34
N GLY B 169 -19.56 -14.32 31.24
CA GLY B 169 -20.42 -15.40 31.71
C GLY B 169 -21.54 -15.91 30.81
N SER B 170 -21.59 -15.53 29.54
CA SER B 170 -22.55 -16.20 28.64
C SER B 170 -22.23 -16.09 27.15
N TRP B 171 -22.63 -17.13 26.42
CA TRP B 171 -22.47 -17.21 24.97
C TRP B 171 -23.35 -16.19 24.21
N SER B 172 -24.38 -15.66 24.87
CA SER B 172 -25.28 -14.71 24.23
C SER B 172 -24.61 -13.38 23.91
N GLU B 173 -23.40 -13.15 24.43
CA GLU B 173 -22.63 -11.92 24.17
C GLU B 173 -21.80 -11.97 22.89
N ALA B 174 -21.80 -13.12 22.22
CA ALA B 174 -20.98 -13.35 21.01
C ALA B 174 -21.76 -12.98 19.72
N VAL B 175 -21.11 -13.06 18.56
CA VAL B 175 -21.65 -12.52 17.31
C VAL B 175 -22.43 -13.60 16.57
N PRO B 176 -23.61 -13.28 16.04
CA PRO B 176 -24.40 -14.26 15.24
C PRO B 176 -23.80 -14.45 13.82
N TYR B 177 -24.13 -15.57 13.16
CA TYR B 177 -23.64 -15.83 11.78
C TYR B 177 -24.78 -15.37 10.84
N GLY B 178 -24.57 -14.28 10.14
CA GLY B 178 -25.59 -13.70 9.27
C GLY B 178 -25.02 -12.44 8.64
N ILE B 179 -25.45 -12.10 7.43
CA ILE B 179 -24.88 -10.91 6.77
C ILE B 179 -25.41 -9.60 7.36
N PHE B 180 -26.72 -9.38 7.36
CA PHE B 180 -27.28 -8.16 7.97
C PHE B 180 -27.26 -8.22 9.50
N SER B 181 -27.52 -9.40 10.08
CA SER B 181 -27.58 -9.53 11.54
C SER B 181 -26.25 -9.17 12.25
N HIS B 182 -25.10 -9.44 11.66
CA HIS B 182 -23.80 -9.08 12.26
C HIS B 182 -23.47 -7.57 12.15
N LEU B 183 -24.07 -6.89 11.17
CA LEU B 183 -24.06 -5.41 11.13
C LEU B 183 -24.93 -4.80 12.25
N ASP B 184 -26.14 -5.32 12.44
CA ASP B 184 -27.02 -4.85 13.52
C ASP B 184 -26.35 -4.99 14.90
N TRP B 185 -25.66 -6.12 15.11
CA TRP B 185 -24.92 -6.41 16.34
C TRP B 185 -23.83 -5.36 16.58
N THR B 186 -23.07 -5.03 15.54
CA THR B 186 -22.02 -4.02 15.62
C THR B 186 -22.55 -2.64 16.01
N ASN B 187 -23.63 -2.22 15.35
CA ASN B 187 -24.34 -0.99 15.72
C ASN B 187 -24.84 -1.03 17.17
N ASN B 188 -25.49 -2.13 17.54
CA ASN B 188 -26.02 -2.28 18.90
C ASN B 188 -24.93 -2.26 20.01
N PHE B 189 -23.81 -2.94 19.78
CA PHE B 189 -22.66 -2.94 20.69
C PHE B 189 -22.16 -1.54 21.09
N SER B 190 -22.06 -0.64 20.11
CA SER B 190 -21.65 0.75 20.32
C SER B 190 -22.67 1.52 21.16
N LEU B 191 -23.97 1.38 20.82
CA LEU B 191 -25.07 2.04 21.60
C LEU B 191 -25.08 1.66 23.07
N VAL B 192 -24.95 0.37 23.31
CA VAL B 192 -25.03 -0.20 24.65
C VAL B 192 -23.80 0.20 25.48
N HIS B 193 -22.67 0.49 24.86
CA HIS B 193 -21.44 0.85 25.61
C HIS B 193 -21.13 2.36 25.59
N GLY B 194 -22.11 3.18 25.26
CA GLY B 194 -21.99 4.62 25.43
C GLY B 194 -21.26 5.35 24.34
N ASN B 195 -21.25 4.79 23.13
CA ASN B 195 -20.65 5.38 21.94
C ASN B 195 -19.16 5.09 21.81
N LEU B 196 -18.83 4.22 20.87
CA LEU B 196 -17.49 3.71 20.76
C LEU B 196 -16.51 4.75 20.24
N PHE B 197 -16.97 5.86 19.67
CA PHE B 197 -16.04 6.98 19.35
C PHE B 197 -15.33 7.54 20.59
N TYR B 198 -15.83 7.28 21.81
CA TYR B 198 -15.10 7.68 23.02
C TYR B 198 -14.13 6.63 23.54
N ASN B 199 -14.07 5.44 22.95
CA ASN B 199 -13.07 4.43 23.31
C ASN B 199 -11.71 4.81 22.67
N PRO B 200 -10.69 5.13 23.46
CA PRO B 200 -9.41 5.58 22.86
C PRO B 200 -8.71 4.52 21.99
N PHE B 201 -8.84 3.25 22.34
CA PHE B 201 -8.38 2.17 21.48
C PHE B 201 -9.07 2.08 20.10
N HIS B 202 -10.37 2.38 20.05
CA HIS B 202 -11.12 2.44 18.78
C HIS B 202 -10.54 3.57 17.90
N GLY B 203 -10.26 4.72 18.49
CA GLY B 203 -9.65 5.86 17.74
C GLY B 203 -8.27 5.50 17.15
N LEU B 204 -7.49 4.75 17.91
CA LEU B 204 -6.13 4.34 17.52
C LEU B 204 -6.21 3.32 16.34
N SER B 205 -7.08 2.34 16.51
CA SER B 205 -7.37 1.36 15.49
C SER B 205 -7.74 2.03 14.16
N ILE B 206 -8.58 3.04 14.20
CA ILE B 206 -8.93 3.80 13.00
C ILE B 206 -7.73 4.55 12.39
N ALA B 207 -6.87 5.13 13.25
CA ALA B 207 -5.64 5.80 12.78
C ALA B 207 -4.76 4.81 11.97
N PHE B 208 -4.60 3.57 12.46
CA PHE B 208 -3.82 2.58 11.75
C PHE B 208 -4.48 2.01 10.48
N LEU B 209 -5.83 1.96 10.43
CA LEU B 209 -6.53 1.47 9.24
C LEU B 209 -6.42 2.53 8.14
N TYR B 210 -6.71 3.80 8.48
CA TYR B 210 -6.45 4.90 7.52
C TYR B 210 -4.94 4.92 7.09
N GLY B 211 -4.05 4.81 8.06
CA GLY B 211 -2.62 4.86 7.78
C GLY B 211 -2.09 3.70 6.91
N SER B 212 -2.74 2.54 6.98
CA SER B 212 -2.40 1.41 6.12
C SER B 212 -2.72 1.74 4.66
N ALA B 213 -3.81 2.43 4.42
CA ALA B 213 -4.15 2.81 3.05
C ALA B 213 -3.20 3.94 2.53
N LEU B 214 -2.89 4.89 3.41
CA LEU B 214 -1.92 5.92 3.13
C LEU B 214 -0.56 5.30 2.73
N LEU B 215 -0.10 4.35 3.54
CA LEU B 215 1.21 3.77 3.39
C LEU B 215 1.34 2.82 2.16
N PHE B 216 0.31 2.01 1.87
CA PHE B 216 0.43 1.17 0.70
C PHE B 216 0.27 2.01 -0.57
N ALA B 217 -0.53 3.07 -0.55
CA ALA B 217 -0.59 4.00 -1.70
C ALA B 217 0.80 4.65 -1.96
N MET B 218 1.42 5.17 -0.89
CA MET B 218 2.78 5.71 -0.97
C MET B 218 3.78 4.67 -1.51
N HIS B 219 3.82 3.47 -0.92
CA HIS B 219 4.82 2.48 -1.21
C HIS B 219 4.63 1.88 -2.65
N GLY B 220 3.40 1.51 -2.95
CA GLY B 220 3.07 0.97 -4.26
C GLY B 220 3.39 1.96 -5.34
N ALA B 221 2.96 3.21 -5.17
CA ALA B 221 3.22 4.25 -6.18
C ALA B 221 4.75 4.46 -6.34
N THR B 222 5.50 4.41 -5.23
CA THR B 222 6.94 4.67 -5.25
C THR B 222 7.69 3.61 -6.09
N ILE B 223 7.41 2.32 -5.83
CA ILE B 223 8.04 1.20 -6.54
C ILE B 223 7.68 1.17 -8.05
N LEU B 224 6.46 1.50 -8.40
CA LEU B 224 6.13 1.64 -9.83
C LEU B 224 6.88 2.81 -10.47
N ALA B 225 7.03 3.91 -9.77
CA ALA B 225 7.78 5.08 -10.27
C ALA B 225 9.29 4.82 -10.51
N VAL B 226 9.88 3.89 -9.74
CA VAL B 226 11.26 3.48 -9.95
C VAL B 226 11.40 2.06 -10.57
N SER B 227 10.32 1.54 -11.16
CA SER B 227 10.43 0.25 -11.86
C SER B 227 11.27 0.29 -13.16
N ARG B 228 11.39 1.46 -13.78
CA ARG B 228 12.32 1.72 -14.88
C ARG B 228 13.84 1.57 -14.53
N PHE B 229 14.18 1.46 -13.23
CA PHE B 229 15.54 1.08 -12.80
C PHE B 229 15.53 -0.24 -12.02
N GLY B 230 14.54 -1.09 -12.27
CA GLY B 230 14.47 -2.38 -11.59
C GLY B 230 14.14 -2.42 -10.11
N GLY B 231 13.40 -1.42 -9.64
CA GLY B 231 13.00 -1.27 -8.25
C GLY B 231 12.19 -2.38 -7.56
N GLU B 232 11.37 -3.13 -8.28
CA GLU B 232 10.59 -4.19 -7.63
C GLU B 232 11.43 -5.37 -7.17
N ARG B 233 12.70 -5.42 -7.62
CA ARG B 233 13.65 -6.44 -7.20
C ARG B 233 14.26 -6.10 -5.82
N GLU B 234 13.38 -6.15 -4.82
CA GLU B 234 13.65 -5.55 -3.54
C GLU B 234 14.74 -6.28 -2.76
N LEU B 235 14.76 -7.62 -2.85
CA LEU B 235 15.78 -8.36 -2.10
C LEU B 235 17.24 -8.04 -2.53
N GLU B 236 17.47 -7.91 -3.82
CA GLU B 236 18.84 -7.63 -4.30
C GLU B 236 19.20 -6.14 -4.10
N GLN B 237 18.20 -5.25 -4.14
CA GLN B 237 18.40 -3.85 -3.77
C GLN B 237 18.79 -3.69 -2.29
N ILE B 238 18.38 -4.63 -1.42
CA ILE B 238 18.85 -4.72 -0.01
C ILE B 238 20.34 -5.11 0.12
N ALA B 239 20.71 -6.13 -0.65
CA ALA B 239 22.05 -6.68 -0.66
C ALA B 239 23.08 -5.76 -1.37
N ASP B 240 22.61 -4.90 -2.27
CA ASP B 240 23.48 -4.11 -3.15
C ASP B 240 22.67 -2.90 -3.72
N ARG B 241 22.58 -1.87 -2.93
CA ARG B 241 21.82 -0.63 -3.26
C ARG B 241 22.08 -0.10 -4.67
N GLY B 242 21.01 0.14 -5.43
CA GLY B 242 21.12 0.70 -6.79
C GLY B 242 20.50 2.08 -6.91
N THR B 243 20.44 2.66 -8.11
CA THR B 243 19.89 4.02 -8.23
C THR B 243 18.37 4.06 -7.97
N ALA B 244 17.69 2.92 -8.13
CA ALA B 244 16.25 2.81 -7.82
C ALA B 244 16.01 3.15 -6.36
N ALA B 245 16.73 2.49 -5.46
CA ALA B 245 16.60 2.72 -4.02
C ALA B 245 17.06 4.15 -3.57
N GLU B 246 18.09 4.68 -4.24
CA GLU B 246 18.58 6.06 -3.92
C GLU B 246 17.54 7.12 -4.32
N ARG B 247 16.94 6.98 -5.51
CA ARG B 247 15.93 7.95 -5.98
C ARG B 247 14.60 7.90 -5.21
N ALA B 248 14.20 6.69 -4.84
CA ALA B 248 13.06 6.48 -3.93
C ALA B 248 13.24 7.17 -2.59
N ALA B 249 14.41 7.01 -1.96
CA ALA B 249 14.71 7.71 -0.69
C ALA B 249 14.73 9.25 -0.82
N LEU B 250 15.36 9.75 -1.86
CA LEU B 250 15.47 11.21 -2.05
C LEU B 250 14.15 11.90 -2.41
N PHE B 251 13.26 11.23 -3.14
CA PHE B 251 11.93 11.79 -3.36
C PHE B 251 11.32 12.17 -2.00
N TRP B 252 11.32 11.22 -1.06
CA TRP B 252 10.66 11.43 0.22
C TRP B 252 11.45 12.38 1.14
N ARG B 253 12.78 12.32 1.09
CA ARG B 253 13.60 13.24 1.89
C ARG B 253 13.34 14.70 1.48
N TRP B 254 13.34 14.95 0.17
CA TRP B 254 13.07 16.29 -0.39
C TRP B 254 11.63 16.80 -0.15
N THR B 255 10.68 15.85 -0.07
CA THR B 255 9.26 16.15 0.16
C THR B 255 8.90 16.47 1.64
N MET B 256 9.27 15.58 2.57
CA MET B 256 8.86 15.66 3.97
C MET B 256 9.99 15.61 4.99
N GLY B 257 11.24 15.60 4.54
CA GLY B 257 12.36 15.80 5.46
C GLY B 257 13.03 14.56 6.05
N PHE B 258 12.52 13.38 5.74
CA PHE B 258 13.15 12.15 6.20
C PHE B 258 12.75 11.01 5.25
N ASN B 259 13.36 9.83 5.46
CA ASN B 259 13.24 8.71 4.51
C ASN B 259 13.49 7.32 5.12
N ALA B 260 13.22 6.30 4.33
CA ALA B 260 13.45 4.90 4.65
C ALA B 260 14.58 4.30 3.78
N THR B 261 14.92 3.04 4.12
CA THR B 261 15.62 2.13 3.27
C THR B 261 14.65 1.10 2.62
N MET B 262 15.19 0.34 1.69
CA MET B 262 14.44 -0.74 1.03
C MET B 262 14.04 -1.88 2.01
N GLU B 263 14.91 -2.28 2.94
CA GLU B 263 14.47 -3.22 3.99
C GLU B 263 13.52 -2.52 4.96
N GLY B 264 13.90 -1.32 5.40
CA GLY B 264 13.17 -0.62 6.46
C GLY B 264 11.70 -0.20 6.21
N ILE B 265 11.35 0.12 4.97
CA ILE B 265 9.96 0.45 4.62
C ILE B 265 9.03 -0.78 4.89
N HIS B 266 9.60 -1.98 4.78
CA HIS B 266 8.85 -3.20 5.08
C HIS B 266 8.59 -3.43 6.58
N ARG B 267 9.45 -2.90 7.44
CA ARG B 267 9.17 -2.85 8.90
C ARG B 267 8.05 -1.83 9.30
N TRP B 268 8.11 -0.64 8.70
CA TRP B 268 7.00 0.31 8.81
C TRP B 268 5.69 -0.35 8.36
N ALA B 269 5.74 -1.04 7.21
CA ALA B 269 4.56 -1.73 6.66
C ALA B 269 3.91 -2.81 7.57
N ILE B 270 4.70 -3.78 8.03
CA ILE B 270 4.14 -4.86 8.81
C ILE B 270 3.55 -4.30 10.10
N TRP B 271 4.23 -3.33 10.73
CA TRP B 271 3.73 -2.76 11.98
C TRP B 271 2.46 -1.88 11.87
N MET B 272 2.37 -1.05 10.82
CA MET B 272 1.20 -0.22 10.61
C MET B 272 -0.05 -1.07 10.54
N ALA B 273 0.00 -2.17 9.81
CA ALA B 273 -1.14 -3.11 9.62
C ALA B 273 -1.49 -3.97 10.87
N VAL B 274 -0.50 -4.60 11.47
CA VAL B 274 -0.67 -5.42 12.66
C VAL B 274 -1.25 -4.63 13.84
N LEU B 275 -0.95 -3.33 13.94
CA LEU B 275 -1.46 -2.52 15.06
C LEU B 275 -2.98 -2.21 14.96
N VAL B 276 -3.54 -2.33 13.76
CA VAL B 276 -5.00 -2.26 13.56
C VAL B 276 -5.77 -3.25 14.43
N THR B 277 -5.48 -4.53 14.30
CA THR B 277 -6.19 -5.56 15.07
C THR B 277 -5.67 -5.70 16.47
N LEU B 278 -4.45 -5.24 16.73
CA LEU B 278 -3.90 -5.33 18.09
C LEU B 278 -4.57 -4.35 19.08
N THR B 279 -4.63 -3.08 18.68
CA THR B 279 -5.33 -2.06 19.46
C THR B 279 -6.82 -2.30 19.51
N GLY B 280 -7.42 -2.76 18.41
CA GLY B 280 -8.85 -3.03 18.35
C GLY B 280 -9.30 -4.13 19.31
N GLY B 281 -8.57 -5.24 19.35
CA GLY B 281 -8.88 -6.32 20.28
C GLY B 281 -8.87 -5.90 21.73
N ILE B 282 -7.96 -4.98 22.09
CA ILE B 282 -7.87 -4.45 23.48
C ILE B 282 -9.11 -3.58 23.84
N GLY B 283 -9.48 -2.70 22.92
CA GLY B 283 -10.65 -1.87 23.07
C GLY B 283 -11.96 -2.64 23.26
N ILE B 284 -12.10 -3.76 22.58
CA ILE B 284 -13.30 -4.62 22.74
C ILE B 284 -13.27 -5.43 24.03
N LEU B 285 -12.09 -5.96 24.38
CA LEU B 285 -11.91 -6.73 25.60
C LEU B 285 -12.32 -5.98 26.87
N LEU B 286 -12.01 -4.68 26.87
CA LEU B 286 -12.25 -3.83 28.05
C LEU B 286 -13.72 -3.38 28.14
N SER B 287 -14.44 -3.46 27.02
CA SER B 287 -15.84 -3.03 26.93
C SER B 287 -16.77 -4.02 27.60
N GLY B 288 -17.39 -3.58 28.71
CA GLY B 288 -18.37 -4.39 29.45
C GLY B 288 -17.78 -5.28 30.55
N THR B 289 -16.47 -5.55 30.49
CA THR B 289 -15.78 -6.24 31.56
C THR B 289 -15.28 -5.25 32.59
N VAL B 290 -14.62 -4.19 32.12
CA VAL B 290 -14.05 -3.13 32.97
C VAL B 290 -14.77 -1.77 32.82
N VAL B 291 -15.25 -1.42 31.63
CA VAL B 291 -15.91 -0.15 31.34
C VAL B 291 -17.27 -0.42 30.69
N ASP B 292 -18.34 0.02 31.35
CA ASP B 292 -19.73 -0.05 30.84
C ASP B 292 -20.14 1.07 29.92
N ASN B 293 -19.49 2.22 30.02
CA ASN B 293 -19.92 3.38 29.26
C ASN B 293 -18.74 4.28 28.93
N TRP B 294 -18.36 4.39 27.67
CA TRP B 294 -17.15 5.15 27.32
C TRP B 294 -17.27 6.68 27.52
N TYR B 295 -18.43 7.25 27.22
CA TYR B 295 -18.71 8.65 27.57
C TYR B 295 -18.41 8.96 29.05
N VAL B 296 -18.92 8.11 29.93
CA VAL B 296 -18.78 8.32 31.36
C VAL B 296 -17.30 8.22 31.77
N TRP B 297 -16.61 7.26 31.17
CA TRP B 297 -15.21 6.97 31.46
C TRP B 297 -14.36 8.18 31.03
N GLY B 298 -14.63 8.71 29.84
CA GLY B 298 -13.96 9.88 29.31
C GLY B 298 -14.08 11.13 30.15
N GLN B 299 -15.17 11.25 30.90
CA GLN B 299 -15.39 12.43 31.72
C GLN B 299 -14.47 12.39 32.92
N ASN B 300 -14.18 11.19 33.44
CA ASN B 300 -13.35 11.00 34.64
C ASN B 300 -11.87 10.75 34.41
N HIS B 301 -11.46 10.57 33.16
CA HIS B 301 -10.10 10.11 32.88
C HIS B 301 -9.66 10.80 31.59
N GLY B 302 -9.43 12.12 31.69
CA GLY B 302 -9.03 12.99 30.57
C GLY B 302 -9.36 12.48 29.18
N PHE C 10 -5.14 4.90 38.19
CA PHE C 10 -6.52 4.76 38.76
C PHE C 10 -7.13 3.40 38.37
N ASP C 11 -7.73 3.33 37.17
CA ASP C 11 -8.35 2.09 36.72
C ASP C 11 -7.59 1.43 35.59
N LEU C 12 -7.95 0.19 35.33
CA LEU C 12 -7.23 -0.68 34.43
C LEU C 12 -7.19 -0.18 32.98
N ALA C 13 -8.25 0.46 32.51
CA ALA C 13 -8.25 1.04 31.16
C ALA C 13 -7.26 2.23 31.02
N SER C 14 -7.14 3.05 32.05
CA SER C 14 -6.14 4.13 32.01
C SER C 14 -4.71 3.61 32.10
N LEU C 15 -4.50 2.53 32.85
CA LEU C 15 -3.20 1.85 32.90
C LEU C 15 -2.82 1.34 31.52
N ALA C 16 -3.79 0.78 30.80
CA ALA C 16 -3.57 0.24 29.48
C ALA C 16 -3.25 1.30 28.42
N ILE C 17 -3.95 2.43 28.41
CA ILE C 17 -3.72 3.45 27.37
C ILE C 17 -2.36 4.17 27.55
N TYR C 18 -1.94 4.32 28.79
CA TYR C 18 -0.68 5.00 29.13
C TYR C 18 0.53 4.09 28.80
N SER C 19 0.44 2.81 29.14
CA SER C 19 1.38 1.79 28.68
C SER C 19 1.53 1.71 27.18
N PHE C 20 0.40 1.73 26.47
CA PHE C 20 0.43 1.71 25.01
C PHE C 20 1.21 2.92 24.40
N TRP C 21 0.99 4.13 24.89
CA TRP C 21 1.77 5.29 24.40
C TRP C 21 3.29 5.17 24.60
N ILE C 22 3.70 4.53 25.68
CA ILE C 22 5.12 4.32 25.96
C ILE C 22 5.70 3.27 25.00
N PHE C 23 4.99 2.17 24.82
CA PHE C 23 5.33 1.17 23.81
C PHE C 23 5.52 1.79 22.42
N LEU C 24 4.61 2.67 22.04
CA LEU C 24 4.62 3.25 20.70
C LEU C 24 5.83 4.18 20.43
N ALA C 25 6.25 4.88 21.48
CA ALA C 25 7.45 5.71 21.44
C ALA C 25 8.70 4.85 21.25
N GLY C 26 8.84 3.74 21.98
CA GLY C 26 9.94 2.80 21.74
C GLY C 26 9.96 2.16 20.34
N LEU C 27 8.77 1.86 19.82
CA LEU C 27 8.63 1.31 18.49
C LEU C 27 9.09 2.31 17.40
N ILE C 28 8.70 3.59 17.53
CA ILE C 28 9.15 4.60 16.54
C ILE C 28 10.68 4.79 16.57
N TYR C 29 11.22 4.82 17.79
CA TYR C 29 12.64 4.89 17.97
C TYR C 29 13.36 3.71 17.26
N TYR C 30 12.91 2.47 17.51
CA TYR C 30 13.47 1.28 16.84
C TYR C 30 13.35 1.38 15.29
N LEU C 31 12.18 1.73 14.80
CA LEU C 31 11.93 1.88 13.37
C LEU C 31 12.79 2.97 12.68
N GLN C 32 12.96 4.13 13.32
CA GLN C 32 13.80 5.16 12.69
C GLN C 32 15.26 4.76 12.62
N THR C 33 15.80 4.16 13.68
CA THR C 33 17.21 3.71 13.64
C THR C 33 17.47 2.61 12.61
N GLU C 34 16.54 1.65 12.44
CA GLU C 34 16.69 0.63 11.37
C GLU C 34 16.73 1.26 10.00
N ASN C 35 16.05 2.38 9.80
CA ASN C 35 16.03 3.06 8.51
C ASN C 35 17.27 3.98 8.29
N MET C 36 18.26 3.91 9.18
CA MET C 36 19.53 4.63 9.04
C MET C 36 20.75 3.72 8.70
N ARG C 37 20.49 2.53 8.19
CA ARG C 37 21.55 1.56 7.87
C ARG C 37 22.26 1.84 6.55
N GLU C 38 21.66 2.68 5.70
CA GLU C 38 22.29 3.23 4.50
C GLU C 38 22.22 4.75 4.48
N GLY C 39 23.28 5.38 3.99
CA GLY C 39 23.28 6.82 3.72
C GLY C 39 23.80 7.77 4.80
N TYR C 40 24.09 7.23 6.00
CA TYR C 40 24.52 8.01 7.15
C TYR C 40 25.94 7.54 7.46
N PRO C 41 26.77 8.33 8.16
CA PRO C 41 26.44 9.66 8.68
C PRO C 41 26.16 10.72 7.56
N LEU C 42 25.31 11.69 7.90
CA LEU C 42 25.10 12.88 7.07
C LEU C 42 26.43 13.62 6.81
N GLU C 43 26.49 14.25 5.64
CA GLU C 43 27.65 15.01 5.15
C GLU C 43 27.36 16.49 4.77
N ASN C 44 28.41 17.29 4.84
CA ASN C 44 28.43 18.59 4.15
C ASN C 44 28.61 18.42 2.65
N GLU C 45 28.33 19.49 1.92
CA GLU C 45 28.46 19.52 0.44
C GLU C 45 29.85 19.10 -0.05
N ASP C 46 30.89 19.33 0.73
CA ASP C 46 32.23 18.85 0.36
C ASP C 46 32.60 17.43 0.80
N GLY C 47 31.67 16.64 1.32
CA GLY C 47 31.97 15.26 1.70
C GLY C 47 32.50 15.02 3.12
N THR C 48 32.68 16.05 3.93
CA THR C 48 33.07 15.85 5.30
C THR C 48 31.83 15.64 6.15
N PRO C 49 32.01 15.06 7.34
CA PRO C 49 30.89 14.78 8.25
C PRO C 49 30.18 16.03 8.76
N ALA C 50 28.87 16.09 8.65
CA ALA C 50 28.13 17.24 9.16
C ALA C 50 28.16 17.23 10.69
N ALA C 51 27.95 18.41 11.29
CA ALA C 51 28.08 18.59 12.71
C ALA C 51 26.83 18.13 13.41
N ASN C 52 25.67 18.38 12.82
CA ASN C 52 24.42 17.99 13.44
C ASN C 52 23.80 16.79 12.71
N GLN C 53 23.93 15.63 13.34
CA GLN C 53 23.40 14.34 12.86
C GLN C 53 21.96 14.04 13.28
N GLY C 54 21.36 14.86 14.16
CA GLY C 54 20.02 14.57 14.66
C GLY C 54 20.06 13.87 16.01
N PRO C 55 18.90 13.59 16.59
CA PRO C 55 18.81 12.98 17.92
C PRO C 55 18.90 11.43 17.96
N PHE C 56 18.70 10.76 16.83
CA PHE C 56 18.82 9.29 16.77
C PHE C 56 20.26 8.82 16.45
N PRO C 57 20.81 7.87 17.20
CA PRO C 57 22.18 7.34 16.94
C PRO C 57 22.16 6.27 15.88
N LEU C 58 23.32 5.95 15.31
CA LEU C 58 23.42 4.85 14.34
C LEU C 58 23.17 3.51 15.04
N PRO C 59 22.47 2.57 14.39
CA PRO C 59 22.21 1.25 15.01
C PRO C 59 23.46 0.41 15.02
N LYS C 60 23.52 -0.60 15.90
CA LYS C 60 24.63 -1.54 15.83
C LYS C 60 24.53 -2.42 14.55
N PRO C 61 25.65 -2.76 13.95
CA PRO C 61 25.66 -3.44 12.61
C PRO C 61 25.01 -4.82 12.57
N LYS C 62 24.33 -5.15 11.49
CA LYS C 62 23.93 -6.53 11.19
C LYS C 62 24.63 -7.01 9.92
N THR C 63 24.73 -8.32 9.77
CA THR C 63 25.40 -8.98 8.63
C THR C 63 24.46 -9.92 7.85
N PHE C 64 24.24 -9.66 6.56
CA PHE C 64 23.53 -10.59 5.69
C PHE C 64 24.55 -11.59 5.08
N ILE C 65 24.17 -12.88 5.02
CA ILE C 65 24.94 -13.91 4.29
C ILE C 65 24.33 -14.09 2.90
N LEU C 66 25.08 -13.78 1.85
CA LEU C 66 24.50 -13.80 0.50
C LEU C 66 24.61 -15.23 -0.04
N PRO C 67 23.63 -15.66 -0.83
CA PRO C 67 23.66 -17.02 -1.44
C PRO C 67 24.74 -17.22 -2.52
N HIS C 68 25.03 -18.46 -2.85
CA HIS C 68 25.86 -18.80 -4.01
C HIS C 68 27.32 -18.38 -3.87
N GLY C 69 27.81 -18.33 -2.63
CA GLY C 69 29.23 -18.07 -2.35
C GLY C 69 29.61 -16.61 -2.56
N ARG C 70 28.63 -15.73 -2.62
CA ARG C 70 28.92 -14.36 -2.97
C ARG C 70 29.35 -13.51 -1.73
N GLY C 71 29.49 -14.11 -0.55
CA GLY C 71 30.05 -13.41 0.62
C GLY C 71 29.03 -12.89 1.60
N THR C 72 29.35 -11.77 2.26
CA THR C 72 28.49 -11.10 3.24
C THR C 72 28.32 -9.61 3.02
N LEU C 73 27.32 -9.01 3.67
CA LEU C 73 27.17 -7.56 3.71
C LEU C 73 26.91 -7.14 5.15
N THR C 74 27.67 -6.15 5.61
CA THR C 74 27.53 -5.57 6.95
C THR C 74 27.14 -4.07 6.91
N VAL C 75 26.02 -3.71 7.51
CA VAL C 75 25.52 -2.34 7.48
C VAL C 75 24.99 -1.93 8.86
N PRO C 76 25.19 -0.66 9.25
CA PRO C 76 26.02 0.31 8.53
C PRO C 76 27.52 -0.04 8.41
N GLY C 77 28.15 0.49 7.38
CA GLY C 77 29.59 0.35 7.19
C GLY C 77 30.10 1.50 6.35
N PRO C 78 31.39 1.51 6.02
CA PRO C 78 32.00 2.67 5.33
C PRO C 78 31.35 2.95 3.98
N GLU C 79 30.81 4.17 3.78
CA GLU C 79 30.14 4.60 2.54
C GLU C 79 31.11 5.33 1.60
N SER C 80 31.16 4.95 0.33
CA SER C 80 31.78 5.81 -0.66
C SER C 80 31.18 5.56 -2.06
N GLU C 81 31.16 6.62 -2.89
CA GLU C 81 30.60 6.63 -4.25
C GLU C 81 31.35 5.70 -5.22
N ASP C 82 32.67 5.55 -4.98
CA ASP C 82 33.57 4.74 -5.79
C ASP C 82 33.52 5.11 -7.27
N ARG C 83 33.37 6.40 -7.58
CA ARG C 83 33.39 6.89 -8.98
C ARG C 83 33.51 8.40 -8.98
N PRO C 84 34.02 8.96 -10.08
CA PRO C 84 34.15 10.42 -10.19
C PRO C 84 32.78 11.13 -10.34
N ILE C 85 32.62 12.31 -9.78
CA ILE C 85 31.40 13.08 -9.93
C ILE C 85 31.64 14.45 -10.54
N ALA C 86 31.30 14.60 -11.82
CA ALA C 86 31.61 15.81 -12.61
C ALA C 86 30.57 16.96 -12.40
N LEU C 87 30.68 17.61 -11.26
CA LEU C 87 29.77 18.65 -10.83
C LEU C 87 30.54 19.79 -10.18
N ALA C 88 30.00 21.02 -10.24
CA ALA C 88 30.60 22.18 -9.54
C ALA C 88 29.51 23.04 -8.92
N ARG C 89 29.90 23.68 -7.81
CA ARG C 89 29.01 24.61 -7.10
C ARG C 89 28.60 25.81 -7.95
N THR C 90 27.37 26.29 -7.74
CA THR C 90 26.87 27.55 -8.36
C THR C 90 26.65 28.71 -7.37
N ALA C 91 26.92 28.55 -6.08
CA ALA C 91 26.75 29.63 -5.13
C ALA C 91 27.80 29.52 -4.06
N VAL C 92 28.01 30.58 -3.31
CA VAL C 92 28.98 30.60 -2.22
C VAL C 92 28.41 30.11 -0.88
N SER C 93 27.20 29.59 -0.86
CA SER C 93 26.66 29.04 0.39
C SER C 93 25.86 27.76 0.15
N GLU C 94 25.51 27.06 1.25
CA GLU C 94 24.89 25.70 1.22
C GLU C 94 23.47 25.78 0.65
N GLY C 95 23.06 24.81 -0.12
CA GLY C 95 21.65 24.65 -0.43
C GLY C 95 21.23 24.90 -1.88
N PHE C 96 22.20 25.20 -2.74
CA PHE C 96 21.94 25.47 -4.15
C PHE C 96 22.37 24.30 -5.06
N PRO C 97 21.89 24.29 -6.30
CA PRO C 97 22.23 23.25 -7.25
C PRO C 97 23.72 23.23 -7.65
N HIS C 98 24.14 22.08 -8.17
CA HIS C 98 25.50 21.85 -8.64
C HIS C 98 25.39 21.51 -10.12
N ALA C 99 26.13 22.25 -10.94
CA ALA C 99 25.99 22.21 -12.37
C ALA C 99 26.95 21.20 -12.96
N PRO C 100 26.53 20.44 -13.98
CA PRO C 100 27.45 19.56 -14.71
C PRO C 100 28.61 20.32 -15.36
N THR C 101 29.80 19.76 -15.29
CA THR C 101 30.98 20.38 -15.90
C THR C 101 31.25 19.91 -17.31
N GLY C 102 30.75 18.74 -17.71
CA GLY C 102 30.81 18.26 -19.11
C GLY C 102 29.42 17.95 -19.67
N ASP C 103 29.29 16.81 -20.33
CA ASP C 103 27.97 16.30 -20.81
C ASP C 103 27.35 15.37 -19.75
N PRO C 104 26.22 15.76 -19.17
CA PRO C 104 25.63 14.98 -18.04
C PRO C 104 25.12 13.55 -18.41
N MET C 105 24.75 13.32 -19.67
CA MET C 105 24.40 11.95 -20.12
C MET C 105 25.63 11.03 -20.11
N LYS C 106 26.75 11.50 -20.68
CA LYS C 106 27.98 10.71 -20.65
C LYS C 106 28.61 10.63 -19.27
N ASP C 107 28.57 11.71 -18.50
CA ASP C 107 29.18 11.71 -17.16
C ASP C 107 28.36 11.00 -16.07
N GLY C 108 27.06 10.81 -16.30
CA GLY C 108 26.25 10.02 -15.38
C GLY C 108 25.86 10.77 -14.12
N VAL C 109 25.27 11.96 -14.27
CA VAL C 109 24.85 12.80 -13.14
C VAL C 109 23.42 13.29 -13.34
N GLY C 110 22.84 13.84 -12.30
CA GLY C 110 21.45 14.24 -12.35
C GLY C 110 20.50 13.05 -12.51
N PRO C 111 19.43 13.23 -13.30
CA PRO C 111 18.55 12.11 -13.66
C PRO C 111 19.23 11.01 -14.53
N ALA C 112 20.45 11.27 -15.03
CA ALA C 112 21.23 10.23 -15.74
C ALA C 112 22.17 9.38 -14.82
N SER C 113 22.06 9.57 -13.51
CA SER C 113 22.95 8.93 -12.54
C SER C 113 22.84 7.40 -12.49
N TRP C 114 23.97 6.74 -12.24
CA TRP C 114 24.01 5.32 -11.92
C TRP C 114 24.79 5.07 -10.62
N VAL C 115 24.61 3.89 -10.03
CA VAL C 115 25.47 3.48 -8.92
C VAL C 115 26.38 2.34 -9.23
N ALA C 116 27.51 2.33 -8.53
CA ALA C 116 28.54 1.29 -8.74
C ALA C 116 28.18 0.01 -7.96
N ARG C 117 27.14 -0.66 -8.46
CA ARG C 117 26.73 -1.99 -8.01
C ARG C 117 27.80 -3.01 -8.47
N ARG C 118 27.75 -4.22 -7.95
CA ARG C 118 28.66 -5.25 -8.43
C ARG C 118 28.50 -5.56 -9.91
N ASP C 119 29.63 -5.89 -10.50
CA ASP C 119 29.77 -6.19 -11.90
C ASP C 119 29.67 -7.72 -12.11
N LEU C 120 28.56 -8.27 -11.59
CA LEU C 120 28.14 -9.66 -11.78
C LEU C 120 26.63 -9.63 -12.03
N PRO C 121 26.11 -10.62 -12.70
CA PRO C 121 24.65 -10.69 -12.93
C PRO C 121 23.89 -11.20 -11.70
N GLU C 122 22.64 -10.77 -11.53
CA GLU C 122 21.74 -11.34 -10.51
C GLU C 122 21.47 -12.81 -10.81
N LEU C 123 21.53 -13.64 -9.76
CA LEU C 123 21.30 -15.09 -9.88
C LEU C 123 19.95 -15.49 -9.35
N ASP C 124 19.50 -16.66 -9.78
CA ASP C 124 18.20 -17.18 -9.36
C ASP C 124 18.36 -18.16 -8.21
N GLY C 125 17.25 -18.77 -7.80
CA GLY C 125 17.21 -19.71 -6.69
C GLY C 125 18.18 -20.85 -6.86
N HIS C 126 18.45 -21.26 -8.10
CA HIS C 126 19.33 -22.41 -8.39
C HIS C 126 20.75 -22.00 -8.75
N GLY C 127 21.06 -20.72 -8.68
CA GLY C 127 22.41 -20.23 -9.06
C GLY C 127 22.65 -19.98 -10.54
N HIS C 128 21.61 -19.90 -11.38
CA HIS C 128 21.77 -19.58 -12.81
C HIS C 128 21.44 -18.11 -13.09
N ASN C 129 21.96 -17.55 -14.18
CA ASN C 129 21.61 -16.14 -14.51
C ASN C 129 20.11 -15.89 -14.56
N LYS C 130 19.64 -14.84 -13.87
CA LYS C 130 18.21 -14.52 -13.77
C LYS C 130 17.58 -14.02 -15.07
N ILE C 131 18.32 -13.18 -15.83
CA ILE C 131 17.89 -12.60 -17.10
C ILE C 131 18.72 -13.16 -18.30
N LYS C 132 18.03 -13.62 -19.34
CA LYS C 132 18.65 -14.19 -20.58
C LYS C 132 17.92 -13.70 -21.82
N PRO C 133 18.60 -13.64 -22.95
CA PRO C 133 17.90 -13.43 -24.20
C PRO C 133 17.03 -14.67 -24.49
N MET C 134 15.84 -14.45 -25.05
CA MET C 134 14.86 -15.52 -25.26
C MET C 134 15.43 -16.58 -26.18
N LYS C 135 16.27 -16.20 -27.14
CA LYS C 135 16.87 -17.21 -28.03
C LYS C 135 17.65 -18.27 -27.25
N ALA C 136 18.19 -17.95 -26.09
CA ALA C 136 18.94 -18.92 -25.28
C ALA C 136 18.11 -19.48 -24.13
N ALA C 137 16.80 -19.24 -24.09
CA ALA C 137 15.94 -19.63 -22.94
C ALA C 137 14.90 -20.67 -23.36
N ALA C 138 15.26 -21.94 -23.28
CA ALA C 138 14.45 -23.06 -23.81
C ALA C 138 13.03 -23.03 -23.42
N GLY C 139 12.14 -23.21 -24.40
CA GLY C 139 10.67 -23.29 -24.13
C GLY C 139 9.94 -21.98 -23.86
N PHE C 140 10.68 -20.87 -23.82
CA PHE C 140 10.08 -19.54 -23.69
C PHE C 140 9.53 -18.98 -25.01
N HIS C 141 8.40 -18.29 -24.92
CA HIS C 141 7.74 -17.74 -26.13
C HIS C 141 6.75 -16.65 -25.73
N VAL C 142 6.39 -15.80 -26.68
CA VAL C 142 5.34 -14.79 -26.48
C VAL C 142 3.95 -15.47 -26.41
N SER C 143 3.27 -15.34 -25.27
CA SER C 143 1.97 -15.98 -25.07
C SER C 143 0.77 -15.01 -25.27
N ALA C 144 0.97 -13.70 -25.25
CA ALA C 144 -0.12 -12.74 -25.42
C ALA C 144 0.40 -11.31 -25.67
N GLY C 145 -0.33 -10.55 -26.48
CA GLY C 145 0.05 -9.19 -26.81
C GLY C 145 0.75 -9.18 -28.15
N LYS C 146 1.15 -8.02 -28.62
CA LYS C 146 1.90 -7.92 -29.88
C LYS C 146 3.38 -8.31 -29.63
N ASN C 147 3.89 -9.32 -30.35
CA ASN C 147 5.33 -9.68 -30.39
C ASN C 147 6.13 -8.53 -31.04
N PRO C 148 7.06 -7.89 -30.33
CA PRO C 148 7.86 -6.78 -30.90
C PRO C 148 9.01 -7.12 -31.84
N ILE C 149 9.36 -8.41 -31.95
CA ILE C 149 10.58 -8.78 -32.61
C ILE C 149 10.33 -8.58 -34.07
N GLY C 150 11.17 -7.78 -34.72
CA GLY C 150 11.00 -7.44 -36.13
C GLY C 150 10.58 -6.00 -36.34
N LEU C 151 10.05 -5.36 -35.32
CA LEU C 151 9.54 -3.99 -35.44
C LEU C 151 10.66 -2.92 -35.44
N PRO C 152 10.47 -1.87 -36.25
CA PRO C 152 11.35 -0.72 -36.21
C PRO C 152 11.16 0.06 -34.91
N VAL C 153 12.23 0.76 -34.51
CA VAL C 153 12.24 1.53 -33.27
C VAL C 153 12.40 3.01 -33.63
N ARG C 154 11.53 3.83 -33.05
CA ARG C 154 11.45 5.25 -33.37
C ARG C 154 11.76 6.08 -32.14
N GLY C 155 12.53 7.16 -32.35
CA GLY C 155 12.86 8.10 -31.25
C GLY C 155 11.94 9.33 -31.16
N CYS C 156 12.14 10.15 -30.12
CA CYS C 156 11.24 11.29 -29.89
C CYS C 156 11.30 12.35 -30.97
N ASP C 157 12.36 12.38 -31.76
CA ASP C 157 12.41 13.18 -32.98
C ASP C 157 11.69 12.56 -34.20
N LEU C 158 10.88 11.52 -33.96
CA LEU C 158 10.11 10.81 -35.04
C LEU C 158 10.97 10.18 -36.15
N GLU C 159 12.21 9.85 -35.82
CA GLU C 159 13.16 9.26 -36.77
C GLU C 159 13.45 7.80 -36.30
N ILE C 160 13.76 6.88 -37.24
CA ILE C 160 13.98 5.44 -36.94
C ILE C 160 15.41 5.21 -36.49
N ALA C 161 15.60 4.66 -35.31
CA ALA C 161 16.95 4.39 -34.77
C ALA C 161 17.43 2.96 -35.00
N GLY C 162 16.51 2.04 -35.28
CA GLY C 162 16.86 0.62 -35.41
C GLY C 162 15.67 -0.35 -35.49
N LYS C 163 15.96 -1.63 -35.24
CA LYS C 163 14.94 -2.69 -35.13
C LYS C 163 15.16 -3.66 -33.99
N VAL C 164 14.08 -4.19 -33.44
CA VAL C 164 14.12 -5.16 -32.34
C VAL C 164 14.53 -6.57 -32.83
N VAL C 165 15.52 -7.18 -32.17
CA VAL C 165 16.02 -8.51 -32.56
C VAL C 165 15.86 -9.61 -31.50
N ASP C 166 15.54 -9.24 -30.26
CA ASP C 166 15.17 -10.23 -29.24
C ASP C 166 14.50 -9.56 -28.02
N ILE C 167 13.93 -10.38 -27.14
CA ILE C 167 13.44 -9.97 -25.82
C ILE C 167 14.33 -10.59 -24.76
N TRP C 168 14.68 -9.83 -23.73
CA TRP C 168 15.45 -10.42 -22.63
C TRP C 168 14.45 -10.70 -21.52
N VAL C 169 14.41 -11.94 -21.06
CA VAL C 169 13.39 -12.38 -20.11
C VAL C 169 13.95 -12.73 -18.73
N ASP C 170 13.17 -12.48 -17.70
CA ASP C 170 13.39 -12.95 -16.35
C ASP C 170 12.82 -14.38 -16.25
N ILE C 171 13.66 -15.37 -16.16
CA ILE C 171 13.19 -16.78 -16.12
C ILE C 171 12.34 -17.21 -14.89
N PRO C 172 12.82 -17.02 -13.67
CA PRO C 172 12.01 -17.29 -12.45
C PRO C 172 10.65 -16.60 -12.35
N GLU C 173 10.59 -15.32 -12.69
CA GLU C 173 9.36 -14.53 -12.63
C GLU C 173 8.62 -14.43 -13.99
N GLN C 174 9.11 -15.11 -15.01
CA GLN C 174 8.45 -15.15 -16.35
C GLN C 174 7.99 -13.77 -16.87
N MET C 175 8.92 -12.84 -17.01
CA MET C 175 8.61 -11.43 -17.35
C MET C 175 9.55 -10.87 -18.44
N ALA C 176 9.05 -10.05 -19.35
CA ALA C 176 9.90 -9.32 -20.30
C ALA C 176 10.61 -8.16 -19.61
N ARG C 177 11.93 -8.11 -19.62
CA ARG C 177 12.64 -7.00 -18.98
C ARG C 177 13.36 -6.00 -19.91
N PHE C 178 13.93 -6.47 -21.03
CA PHE C 178 14.54 -5.54 -22.00
C PHE C 178 14.18 -5.93 -23.43
N LEU C 179 14.24 -4.96 -24.34
CA LEU C 179 14.30 -5.21 -25.75
C LEU C 179 15.75 -5.02 -26.23
N GLU C 180 16.25 -5.96 -27.04
CA GLU C 180 17.54 -5.81 -27.68
C GLU C 180 17.33 -5.24 -29.07
N VAL C 181 17.97 -4.08 -29.31
CA VAL C 181 17.79 -3.33 -30.55
C VAL C 181 19.07 -3.29 -31.41
N GLU C 182 18.92 -3.53 -32.70
CA GLU C 182 20.04 -3.45 -33.62
C GLU C 182 20.11 -2.05 -34.28
N LEU C 183 21.30 -1.45 -34.29
CA LEU C 183 21.53 -0.11 -34.84
C LEU C 183 22.04 -0.13 -36.28
N LYS C 184 22.08 1.07 -36.86
CA LYS C 184 22.50 1.28 -38.25
C LYS C 184 23.86 0.62 -38.59
N ASP C 185 24.75 0.47 -37.61
CA ASP C 185 26.08 -0.16 -37.84
C ASP C 185 26.20 -1.66 -37.49
N GLY C 186 25.11 -2.32 -37.09
CA GLY C 186 25.12 -3.76 -36.82
C GLY C 186 25.35 -4.16 -35.37
N SER C 187 25.68 -3.20 -34.52
CA SER C 187 25.78 -3.48 -33.08
C SER C 187 24.41 -3.37 -32.40
N THR C 188 24.29 -3.87 -31.17
CA THR C 188 23.04 -3.82 -30.45
C THR C 188 23.14 -3.07 -29.10
N ARG C 189 21.97 -2.66 -28.58
CA ARG C 189 21.82 -2.13 -27.23
C ARG C 189 20.55 -2.69 -26.58
N LEU C 190 20.50 -2.56 -25.26
CA LEU C 190 19.34 -2.92 -24.50
C LEU C 190 18.55 -1.68 -24.12
N LEU C 191 17.21 -1.82 -24.16
CA LEU C 191 16.26 -0.82 -23.72
C LEU C 191 15.37 -1.44 -22.66
N PRO C 192 15.16 -0.75 -21.54
CA PRO C 192 14.20 -1.21 -20.50
C PRO C 192 12.72 -1.24 -20.97
N MET C 193 11.97 -2.29 -20.65
CA MET C 193 10.56 -2.46 -21.15
C MET C 193 9.67 -1.37 -20.59
N GLN C 194 9.98 -0.92 -19.39
CA GLN C 194 9.24 0.18 -18.76
C GLN C 194 9.40 1.52 -19.48
N MET C 195 10.30 1.69 -20.46
CA MET C 195 10.46 2.99 -21.10
C MET C 195 10.14 2.97 -22.59
N VAL C 196 9.45 1.92 -23.04
CA VAL C 196 8.98 1.85 -24.42
C VAL C 196 7.48 1.63 -24.52
N LYS C 197 6.97 1.93 -25.70
CA LYS C 197 5.59 1.82 -26.04
C LYS C 197 5.47 0.95 -27.30
N VAL C 198 4.90 -0.25 -27.16
CA VAL C 198 4.70 -1.16 -28.30
C VAL C 198 3.42 -0.80 -29.07
N GLN C 199 3.51 -0.62 -30.37
CA GLN C 199 2.33 -0.34 -31.19
C GLN C 199 2.21 -1.35 -32.36
N SER C 200 1.19 -1.24 -33.19
CA SER C 200 0.98 -2.25 -34.23
C SER C 200 2.16 -2.38 -35.15
N ASN C 201 2.73 -1.23 -35.49
CA ASN C 201 3.66 -1.15 -36.61
C ASN C 201 5.05 -0.65 -36.21
N ARG C 202 5.27 -0.46 -34.91
CA ARG C 202 6.49 0.17 -34.45
C ARG C 202 6.62 0.12 -32.93
N VAL C 203 7.85 0.31 -32.43
CA VAL C 203 8.08 0.64 -31.01
C VAL C 203 8.46 2.11 -30.91
N HIS C 204 7.82 2.83 -30.00
CA HIS C 204 8.14 4.23 -29.76
C HIS C 204 8.86 4.52 -28.42
N VAL C 205 9.90 5.36 -28.52
CA VAL C 205 10.72 5.79 -27.37
C VAL C 205 10.76 7.32 -27.18
N ASN C 206 10.02 7.75 -26.19
CA ASN C 206 9.91 9.16 -25.86
C ASN C 206 11.17 9.79 -25.24
N ALA C 207 11.85 9.06 -24.36
CA ALA C 207 13.02 9.57 -23.64
C ALA C 207 14.23 9.92 -24.50
N LEU C 208 14.40 9.31 -25.69
CA LEU C 208 15.60 9.53 -26.52
C LEU C 208 15.28 9.90 -27.96
N SER C 209 16.14 10.73 -28.52
CA SER C 209 16.11 11.05 -29.93
C SER C 209 17.04 10.08 -30.66
N SER C 210 16.86 9.97 -31.97
CA SER C 210 17.51 8.92 -32.76
C SER C 210 19.04 8.97 -32.66
N ASP C 211 19.61 10.16 -32.70
CA ASP C 211 21.05 10.36 -32.50
C ASP C 211 21.61 10.02 -31.11
N LEU C 212 20.78 9.79 -30.09
CA LEU C 212 21.35 9.47 -28.78
C LEU C 212 21.45 7.95 -28.50
N PHE C 213 21.00 7.13 -29.45
CA PHE C 213 20.94 5.68 -29.25
C PHE C 213 22.30 5.01 -29.20
N ALA C 214 23.24 5.50 -29.99
CA ALA C 214 24.61 4.97 -30.00
C ALA C 214 25.38 5.16 -28.70
N GLY C 215 25.04 6.19 -27.92
CA GLY C 215 25.69 6.47 -26.64
C GLY C 215 25.18 5.66 -25.48
N ILE C 216 24.10 4.90 -25.66
CA ILE C 216 23.67 3.91 -24.64
C ILE C 216 24.86 2.97 -24.33
N PRO C 217 25.25 2.83 -23.07
CA PRO C 217 26.32 1.92 -22.67
C PRO C 217 26.11 0.49 -23.11
N THR C 218 27.16 -0.11 -23.68
CA THR C 218 27.14 -1.49 -24.17
C THR C 218 27.46 -2.51 -23.08
N ILE C 219 27.16 -3.77 -23.31
CA ILE C 219 27.43 -4.81 -22.33
C ILE C 219 28.65 -5.58 -22.80
N LYS C 220 29.37 -6.23 -21.90
CA LYS C 220 30.66 -6.77 -22.28
C LYS C 220 30.56 -8.21 -22.79
N SER C 221 29.52 -8.93 -22.43
CA SER C 221 29.26 -10.27 -22.98
C SER C 221 27.86 -10.29 -23.62
N PRO C 222 27.69 -10.94 -24.76
CA PRO C 222 26.42 -10.88 -25.50
C PRO C 222 25.26 -11.66 -24.93
N THR C 223 25.49 -12.58 -23.99
CA THR C 223 24.40 -13.39 -23.42
C THR C 223 24.09 -13.15 -21.96
N GLU C 224 24.64 -12.10 -21.35
CA GLU C 224 24.27 -11.75 -19.97
C GLU C 224 24.49 -10.28 -19.74
N VAL C 225 23.81 -9.78 -18.71
CA VAL C 225 23.97 -8.43 -18.16
C VAL C 225 24.30 -8.46 -16.65
N THR C 226 25.19 -7.55 -16.22
CA THR C 226 25.53 -7.39 -14.83
C THR C 226 24.72 -6.26 -14.16
N LEU C 227 24.72 -6.27 -12.83
CA LEU C 227 24.00 -5.25 -12.06
C LEU C 227 24.54 -3.86 -12.32
N LEU C 228 25.86 -3.74 -12.41
CA LEU C 228 26.49 -2.45 -12.80
C LEU C 228 26.01 -1.98 -14.19
N GLU C 229 25.98 -2.90 -15.16
CA GLU C 229 25.52 -2.58 -16.53
C GLU C 229 24.02 -2.14 -16.59
N GLU C 230 23.18 -2.79 -15.81
CA GLU C 230 21.74 -2.45 -15.79
C GLU C 230 21.56 -1.04 -15.28
N ASP C 231 22.33 -0.69 -14.24
CA ASP C 231 22.23 0.68 -13.64
C ASP C 231 22.68 1.76 -14.64
N LYS C 232 23.79 1.52 -15.34
CA LYS C 232 24.27 2.48 -16.34
C LYS C 232 23.28 2.69 -17.50
N ILE C 233 22.72 1.59 -18.01
CA ILE C 233 21.70 1.63 -19.08
C ILE C 233 20.40 2.31 -18.67
N CYS C 234 19.79 1.88 -17.58
CA CYS C 234 18.57 2.53 -17.10
C CYS C 234 18.76 4.00 -16.72
N GLY C 235 19.91 4.32 -16.10
CA GLY C 235 20.17 5.70 -15.68
C GLY C 235 20.21 6.61 -16.92
N TYR C 236 20.93 6.15 -17.96
CA TYR C 236 21.13 6.89 -19.20
C TYR C 236 19.81 7.13 -19.99
N VAL C 237 18.95 6.10 -20.17
CA VAL C 237 17.69 6.35 -20.86
C VAL C 237 16.69 7.28 -20.08
N ALA C 238 16.62 7.13 -18.75
CA ALA C 238 15.78 8.06 -17.94
C ALA C 238 16.29 9.51 -18.00
N GLY C 239 17.61 9.69 -18.08
CA GLY C 239 18.19 11.02 -18.26
C GLY C 239 17.78 11.84 -19.49
N GLY C 240 17.45 11.18 -20.59
CA GLY C 240 16.98 11.90 -21.79
C GLY C 240 15.66 12.67 -21.61
N LEU C 241 14.82 12.27 -20.66
CA LEU C 241 13.61 13.06 -20.37
C LEU C 241 13.99 14.52 -20.08
N MET C 242 15.00 14.76 -19.25
CA MET C 242 15.50 16.12 -19.08
C MET C 242 16.45 16.61 -20.20
N TYR C 243 17.46 15.82 -20.53
CA TYR C 243 18.58 16.31 -21.34
C TYR C 243 18.39 16.15 -22.85
N ALA C 244 17.50 15.29 -23.31
CA ALA C 244 17.19 15.24 -24.74
C ALA C 244 16.09 16.24 -25.14
N ALA C 245 15.31 16.75 -24.18
CA ALA C 245 14.11 17.62 -24.45
C ALA C 245 14.16 18.61 -25.66
N PRO C 246 15.29 19.30 -25.87
CA PRO C 246 15.52 20.02 -27.15
C PRO C 246 14.99 19.35 -28.46
N LYS C 247 15.20 18.04 -28.64
CA LYS C 247 14.82 17.34 -29.90
C LYS C 247 13.45 16.64 -29.82
N ARG C 248 12.96 16.36 -28.62
CA ARG C 248 11.59 15.87 -28.43
C ARG C 248 10.58 16.84 -29.06
N LYS C 249 9.46 16.30 -29.57
CA LYS C 249 8.47 17.11 -30.29
C LYS C 249 7.06 16.47 -30.52
N SER C 250 6.06 16.99 -29.79
CA SER C 250 4.62 16.93 -30.17
C SER C 250 3.96 15.55 -30.43
MG BCL D . -18.61 4.80 7.80
CHA BCL D . -17.16 7.41 5.90
CHB BCL D . -15.67 3.01 7.19
CHC BCL D . -19.37 2.70 10.43
CHD BCL D . -21.04 7.02 8.93
NA BCL D . -16.68 5.19 6.71
C1A BCL D . -16.40 6.27 5.84
C2A BCL D . -15.13 6.07 5.06
C3A BCL D . -14.81 4.60 5.40
C4A BCL D . -15.73 4.25 6.51
CMA BCL D . -15.29 3.83 4.16
CAA BCL D . -13.95 6.88 5.66
CBA BCL D . -12.60 6.96 4.94
CGA BCL D . -12.54 8.07 3.97
O1A BCL D . -13.51 8.61 3.42
O2A BCL D . -11.33 8.54 3.69
NB BCL D . -17.65 3.14 8.71
C1B BCL D . -16.47 2.55 8.23
C2B BCL D . -16.28 1.35 9.00
C3B BCL D . -17.32 1.23 9.91
C4B BCL D . -18.20 2.40 9.74
CMB BCL D . -15.12 0.39 8.78
CAB BCL D . -17.56 0.14 10.90
OBB BCL D . -18.60 0.00 11.51
CBB BCL D . -16.52 -0.92 11.22
NC BCL D . -19.97 4.86 9.44
C1C BCL D . -20.15 3.88 10.33
C2C BCL D . -21.34 4.10 11.22
C3C BCL D . -21.80 5.50 10.82
C4C BCL D . -20.93 5.85 9.65
CMC BCL D . -22.47 3.10 10.92
CAC BCL D . -21.50 6.51 11.94
CBC BCL D . -22.21 6.23 13.27
ND BCL D . -19.03 6.79 7.53
C1D BCL D . -20.09 7.54 8.01
C2D BCL D . -20.01 8.84 7.43
C3D BCL D . -18.90 8.84 6.62
C4D BCL D . -18.30 7.57 6.69
CMD BCL D . -20.93 10.02 7.64
CAD BCL D . -18.11 9.66 5.76
OBD BCL D . -18.28 10.84 5.45
CBD BCL D . -16.90 8.78 5.28
CGD BCL D . -16.73 8.90 3.78
O1D BCL D . -16.96 8.03 2.99
O2D BCL D . -16.27 10.12 3.41
CED BCL D . -16.03 10.39 2.02
C1 BCL D . -11.17 9.66 2.79
C2 BCL D . -9.94 10.44 3.28
C3 BCL D . -9.95 11.75 3.59
C4 BCL D . -11.19 12.65 3.46
C5 BCL D . -8.62 12.38 4.08
C6 BCL D . -8.17 13.58 3.25
C7 BCL D . -6.79 14.06 3.70
C8 BCL D . -6.47 15.42 3.05
C9 BCL D . -6.44 15.35 1.52
C10 BCL D . -5.12 15.98 3.53
C11 BCL D . -5.02 16.21 5.02
C12 BCL D . -3.79 17.02 5.31
C13 BCL D . -3.72 17.40 6.79
C14 BCL D . -4.46 18.67 7.13
C15 BCL D . -2.24 17.52 7.04
C16 BCL D . -1.76 17.98 8.39
C17 BCL D . -0.24 17.85 8.26
C18 BCL D . 0.51 17.96 9.56
C19 BCL D . 0.91 19.41 9.82
C20 BCL D . 1.72 17.06 9.47
MG BCL E . -10.81 12.48 10.93
CHA BCL E . -9.68 10.37 13.48
CHB BCL E . -7.76 14.13 11.09
CHC BCL E . -11.51 14.05 7.96
CHD BCL E . -13.49 10.38 10.42
NA BCL E . -8.99 12.24 12.09
C1A BCL E . -8.75 11.33 13.12
C2A BCL E . -7.40 11.56 13.75
C3A BCL E . -6.95 12.86 13.11
C4A BCL E . -7.94 13.08 12.02
CMA BCL E . -7.21 14.00 14.11
CAA BCL E . -6.44 10.48 13.25
CBA BCL E . -6.33 10.27 11.71
CGA BCL E . -5.22 9.48 11.16
O1A BCL E . -4.32 8.99 11.82
O2A BCL E . -5.25 9.28 9.82
NB BCL E . -9.75 13.82 9.64
C1B BCL E . -8.53 14.41 9.96
C2B BCL E . -8.25 15.38 8.90
C3B BCL E . -9.27 15.31 7.98
C4B BCL E . -10.25 14.34 8.48
CMB BCL E . -6.97 16.20 8.83
CAB BCL E . -9.47 16.10 6.71
OBB BCL E . -10.10 15.72 5.74
CBB BCL E . -8.87 17.48 6.58
NC BCL E . -12.24 12.23 9.46
C1C BCL E . -12.42 13.05 8.39
C2C BCL E . -13.71 12.79 7.63
C3C BCL E . -14.22 11.55 8.30
C4C BCL E . -13.32 11.37 9.50
CMC BCL E . -14.74 13.90 7.87
CAC BCL E . -13.97 10.43 7.27
CBC BCL E . -12.47 10.28 6.78
ND BCL E . -11.43 10.70 11.72
C1D BCL E . -12.66 10.06 11.52
C2D BCL E . -12.86 9.13 12.58
C3D BCL E . -11.75 9.20 13.38
C4D BCL E . -10.88 10.16 12.84
CMD BCL E . -14.06 8.27 12.71
CAD BCL E . -11.13 8.68 14.57
OBD BCL E . -11.57 7.82 15.36
CBD BCL E . -9.72 9.42 14.70
CGD BCL E . -9.59 10.13 16.04
O1D BCL E . -8.92 9.71 16.94
O2D BCL E . -10.29 11.27 16.18
CED BCL E . -10.28 12.04 17.40
C1 BCL E . -4.20 8.54 9.17
C2 BCL E . -2.99 9.46 8.97
C3 BCL E . -1.76 9.30 9.53
C4 BCL E . -1.39 8.18 10.49
C5 BCL E . -0.70 10.37 9.23
C6 BCL E . -0.66 11.40 10.40
C7 BCL E . -1.73 12.50 10.38
C8 BCL E . -1.83 13.40 11.64
C9 BCL E . -2.03 12.62 12.94
C10 BCL E . -2.97 14.40 11.45
C11 BCL E . -3.03 15.49 12.51
C12 BCL E . -3.99 16.62 12.11
C13 BCL E . -3.93 17.85 13.03
C14 BCL E . -4.38 17.48 14.44
C15 BCL E . -4.82 18.96 12.46
C16 BCL E . -4.04 20.02 11.69
C17 BCL E . -3.43 21.02 12.68
C18 BCL E . -2.82 22.27 12.03
C19 BCL E . -3.90 23.27 11.70
C20 BCL E . -2.03 21.96 10.76
O1D BPH F . 3.33 13.77 1.63
CGD BPH F . 2.42 12.97 1.70
O2D BPH F . 2.46 11.98 2.60
CED BPH F . 3.64 11.94 3.43
CBD BPH F . 1.17 13.05 0.86
CHA BPH F . -0.12 12.74 1.65
C4D BPH F . -0.64 11.60 1.04
C3D BPH F . 0.05 11.15 -0.10
CAD BPH F . 1.19 11.99 -0.28
OBD BPH F . 2.05 11.96 -1.15
C2D BPH F . -0.61 10.04 -0.61
CMD BPH F . -0.23 9.23 -1.79
C1D BPH F . -1.73 9.81 0.25
ND BPH F . -1.72 10.81 1.22
CHD BPH F . -2.74 8.81 0.18
C4C BPH F . -3.85 8.67 1.00
C3C BPH F . -4.88 7.52 0.92
CAC BPH F . -5.30 6.93 -0.43
CBC BPH F . -5.78 7.91 -1.49
C2C BPH F . -5.93 7.95 2.00
CMC BPH F . -6.52 6.88 2.93
C1C BPH F . -5.22 9.10 2.70
NC BPH F . -4.09 9.48 2.12
CHC BPH F . -5.76 9.69 3.85
C4B BPH F . -5.22 10.62 4.71
C3B BPH F . -5.77 11.06 5.98
CAB BPH F . -7.01 10.47 6.57
CBB BPH F . -7.90 11.30 7.44
OBB BPH F . -7.34 9.31 6.38
C2B BPH F . -4.95 12.03 6.48
CMB BPH F . -5.06 12.79 7.79
C1B BPH F . -3.86 12.23 5.55
NB BPH F . -4.08 11.36 4.51
CHB BPH F . -2.77 13.10 5.65
C4A BPH F . -1.74 13.36 4.69
C3A BPH F . -0.63 14.33 4.96
CMA BPH F . 0.30 13.64 5.97
C2A BPH F . 0.12 14.40 3.64
C1A BPH F . -0.53 13.30 2.84
NA BPH F . -1.59 12.76 3.50
CAA BPH F . -0.18 15.74 2.94
CBA BPH F . 0.49 16.99 3.55
CGA BPH F . 0.04 18.31 3.03
O1A BPH F . -0.89 18.53 2.25
O2A BPH F . 0.73 19.38 3.49
C1 BPH F . 0.31 20.67 3.04
C2 BPH F . -0.58 21.31 4.13
C3 BPH F . -0.12 21.70 5.33
C4 BPH F . 1.34 21.55 5.78
C5 BPH F . -1.00 22.30 6.44
C6 BPH F . -2.27 22.97 5.93
C7 BPH F . -3.02 23.63 7.10
C8 BPH F . -4.41 24.12 6.68
C9 BPH F . -4.34 25.38 5.82
C10 BPH F . -5.25 24.36 7.94
C11 BPH F . -5.85 23.08 8.54
C12 BPH F . -7.28 22.89 8.03
C13 BPH F . -7.77 21.47 8.20
C14 BPH F . -8.84 21.13 7.16
C15 BPH F . -8.29 21.28 9.62
C16 BPH F . -8.61 19.83 9.94
C17 BPH F . -9.04 19.61 11.39
C18 BPH F . -9.29 18.14 11.70
C19 BPH F . -10.59 17.63 11.08
C20 BPH F . -9.33 17.87 13.17
C1 U10 G . 2.80 -11.21 -1.55
C2 U10 G . 4.05 -10.40 -1.73
C3 U10 G . 4.95 -10.61 -2.87
C4 U10 G . 4.61 -11.57 -3.81
C5 U10 G . 3.37 -12.37 -3.63
C6 U10 G . 2.48 -12.16 -2.48
C1M U10 G . 1.90 -11.00 -0.39
C3M U10 G . 7.48 -10.05 -2.45
C4M U10 G . 6.37 -12.95 -4.86
C7 U10 G . 1.26 -13.07 -2.43
C8 U10 G . -0.02 -12.47 -2.93
C9 U10 G . -1.03 -13.23 -3.35
C10 U10 G . -1.02 -14.72 -3.37
C11 U10 G . -2.29 -12.56 -3.79
C12 U10 G . -2.83 -11.82 -2.57
C13 U10 G . -4.32 -11.64 -2.71
C14 U10 G . -5.07 -11.05 -1.74
C15 U10 G . -4.43 -10.53 -0.49
C16 U10 G . -6.56 -10.90 -1.96
C17 U10 G . -6.79 -9.70 -2.89
C18 U10 G . -8.23 -9.62 -3.34
C19 U10 G . -8.61 -9.78 -4.62
C20 U10 G . -7.63 -10.10 -5.72
C21 U10 G . -10.07 -9.68 -4.96
C22 U10 G . -10.46 -8.24 -5.32
C23 U10 G . -11.08 -7.39 -4.22
C24 U10 G . -11.98 -7.79 -3.29
C25 U10 G . -12.54 -9.17 -3.16
C26 U10 G . -12.49 -6.75 -2.31
C27 U10 G . -13.77 -6.16 -2.89
C28 U10 G . -14.98 -6.96 -2.46
C29 U10 G . -16.18 -6.88 -3.07
C30 U10 G . -16.41 -5.97 -4.25
C31 U10 G . -17.32 -7.74 -2.53
C32 U10 G . -17.82 -7.35 -1.13
C33 U10 G . -18.84 -8.38 -0.67
C34 U10 G . -20.16 -8.15 -0.51
C35 U10 G . -21.03 -9.30 -0.05
C36 U10 G . -20.80 -6.77 -0.78
C37 U10 G . -22.29 -6.78 -1.17
C38 U10 G . -22.61 -5.54 -2.00
C39 U10 G . -23.64 -5.47 -2.89
C40 U10 G . -24.55 -6.65 -3.10
C41 U10 G . -23.90 -4.23 -3.69
O2 U10 G . 4.42 -9.54 -0.95
O3 U10 G . 6.17 -9.77 -2.96
O4 U10 G . 5.47 -11.84 -4.94
O5 U10 G . 3.04 -13.24 -4.43
C1 HTO H . -3.56 16.92 -8.58
O1 HTO H . -4.10 18.21 -8.38
C2 HTO H . -2.70 16.98 -9.82
O2 HTO H . -1.69 17.89 -9.47
C3 HTO H . -2.06 15.65 -10.17
O3 HTO H . -1.15 15.37 -9.15
C4 HTO H . -1.26 15.67 -11.47
C5 HTO H . -0.33 14.48 -11.51
C6 HTO H . 0.30 14.29 -12.88
C7 HTO H . -0.37 13.12 -13.56
FE FE I . 7.80 -3.66 -1.39
MG BCL J . -17.88 -8.23 8.95
CHA BCL J . -18.33 -6.57 5.88
CHB BCL J . -17.01 -11.02 7.12
CHC BCL J . -16.43 -9.63 11.76
CHD BCL J . -18.14 -5.21 10.64
NA BCL J . -17.66 -8.68 6.79
C1A BCL J . -17.96 -7.88 5.70
C2A BCL J . -17.87 -8.64 4.38
C3A BCL J . -17.65 -10.06 4.86
C4A BCL J . -17.39 -9.92 6.32
CMA BCL J . -19.01 -10.75 4.72
CAA BCL J . -16.60 -8.25 3.57
CBA BCL J . -15.29 -8.41 4.36
CGA BCL J . -13.97 -8.28 3.74
O1A BCL J . -13.56 -7.37 3.01
O2A BCL J . -13.12 -9.26 4.10
NB BCL J . -16.83 -10.04 9.38
C1B BCL J . -16.61 -11.03 8.45
C2B BCL J . -15.96 -12.10 9.16
C3B BCL J . -15.79 -11.73 10.47
C4B BCL J . -16.35 -10.39 10.62
CMB BCL J . -15.57 -13.39 8.46
CAB BCL J . -15.16 -12.52 11.60
OBB BCL J . -15.02 -12.10 12.75
CBB BCL J . -14.68 -13.92 11.38
NC BCL J . -17.33 -7.52 10.88
C1C BCL J . -16.93 -8.31 11.90
C2C BCL J . -17.07 -7.67 13.27
C3C BCL J . -17.56 -6.29 12.92
C4C BCL J . -17.73 -6.30 11.41
CMC BCL J . -18.09 -8.38 14.13
CAC BCL J . -16.57 -5.22 13.37
CBC BCL J . -15.21 -5.31 12.68
ND BCL J . -18.05 -6.27 8.39
C1D BCL J . -18.35 -5.18 9.22
C2D BCL J . -18.86 -4.12 8.38
C3D BCL J . -18.90 -4.62 7.08
C4D BCL J . -18.38 -5.93 7.12
CMD BCL J . -19.31 -2.74 8.81
CAD BCL J . -19.27 -4.30 5.72
OBD BCL J . -19.75 -3.24 5.25
CBD BCL J . -18.91 -5.58 4.87
CGD BCL J . -20.16 -6.14 4.20
O1D BCL J . -20.42 -6.06 3.02
O2D BCL J . -20.99 -6.74 5.02
CED BCL J . -22.17 -7.28 4.44
C1 BCL J . -11.73 -9.40 3.65
C2 BCL J . -11.81 -9.65 2.14
C3 BCL J . -11.37 -10.71 1.46
C4 BCL J . -11.65 -10.60 -0.03
C5 BCL J . -10.64 -11.89 2.06
C6 BCL J . -10.49 -13.07 1.06
C7 BCL J . -9.34 -12.90 0.02
C8 BCL J . -8.99 -14.13 -0.88
C9 BCL J . -10.14 -15.16 -0.98
C10 BCL J . -7.61 -14.73 -0.49
C11 BCL J . -7.30 -16.19 -0.92
C12 BCL J . -7.43 -17.20 0.24
C13 BCL J . -7.83 -18.65 -0.14
C14 BCL J . -9.18 -18.65 -0.86
C15 BCL J . -7.85 -19.60 1.08
C16 BCL J . -8.14 -21.09 0.76
C17 BCL J . -7.49 -21.62 -0.54
C18 BCL J . -7.95 -23.03 -0.96
C19 BCL J . -7.21 -24.12 -0.19
C20 BCL J . -7.76 -23.29 -2.46
MG BCL K . -15.73 0.95 14.36
CHA BCL K . -14.15 -2.09 14.95
CHB BCL K . -13.36 1.51 11.88
CHC BCL K . -17.47 3.73 13.33
CHD BCL K . -18.58 -0.19 16.00
NA BCL K . -14.01 -0.17 13.52
C1A BCL K . -13.42 -1.33 14.05
C2A BCL K . -12.09 -1.68 13.44
C3A BCL K . -11.90 -0.49 12.45
C4A BCL K . -13.15 0.35 12.64
CMA BCL K . -10.61 0.32 12.64
CAA BCL K . -12.07 -3.00 12.65
CBA BCL K . -10.67 -3.52 12.25
CGA BCL K . -10.59 -4.62 11.30
O1A BCL K . -9.75 -4.74 10.39
O2A BCL K . -11.53 -5.56 11.44
NB BCL K . -15.49 2.36 12.79
C1B BCL K . -14.40 2.40 11.94
C2B BCL K . -14.54 3.62 11.17
C3B BCL K . -15.68 4.28 11.55
C4B BCL K . -16.30 3.47 12.62
CMB BCL K . -13.51 4.00 10.12
CAB BCL K . -16.28 5.56 11.01
OBB BCL K . -17.29 6.08 11.48
CBB BCL K . -15.70 6.29 9.83
NC BCL K . -17.71 1.63 14.61
C1C BCL K . -18.14 2.85 14.22
C2C BCL K . -19.44 3.22 14.86
C3C BCL K . -19.85 1.95 15.58
C4C BCL K . -18.65 1.07 15.45
CMC BCL K . -19.23 4.33 15.88
CAC BCL K . -20.99 1.26 14.82
CBC BCL K . -22.23 2.11 14.55
ND BCL K . -16.33 -0.79 15.23
C1D BCL K . -17.47 -1.08 15.96
C2D BCL K . -17.29 -2.34 16.63
C3D BCL K . -16.02 -2.78 16.29
C4D BCL K . -15.45 -1.80 15.42
CMD BCL K . -18.27 -3.01 17.55
CAD BCL K . -15.05 -3.85 16.42
OBD BCL K . -15.08 -4.90 17.08
CBD BCL K . -13.79 -3.40 15.63
CGD BCL K . -12.76 -2.97 16.66
O1D BCL K . -11.58 -3.31 16.71
O2D BCL K . -13.20 -2.08 17.57
CED BCL K . -12.28 -1.60 18.54
C1 BCL K . -11.63 -6.69 10.55
C2 BCL K . -10.77 -7.89 10.96
C3 BCL K . -11.23 -8.94 11.63
C4 BCL K . -12.69 -9.01 12.03
C5 BCL K . -10.33 -10.11 11.99
C6 BCL K . -10.77 -11.36 11.19
C7 BCL K . -9.87 -12.53 11.54
C8 BCL K . -10.33 -13.94 11.22
C9 BCL K . -9.23 -14.89 11.68
C10 BCL K . -10.71 -14.19 9.74
C11 BCL K . -11.46 -15.51 9.49
C12 BCL K . -11.85 -15.66 8.02
C13 BCL K . -12.79 -16.84 7.70
C14 BCL K . -12.27 -18.16 8.23
C15 BCL K . -13.00 -16.98 6.17
C16 BCL K . -14.47 -16.70 5.76
C17 BCL K . -14.68 -15.96 4.42
C18 BCL K . -15.93 -15.03 4.39
C19 BCL K . -17.21 -15.76 4.01
C20 BCL K . -15.73 -13.83 3.44
O1D BPH L . -3.39 -17.27 4.74
CGD BPH L . -3.65 -16.13 5.01
O2D BPH L . -3.71 -15.17 4.07
CED BPH L . -3.47 -15.60 2.72
CBD BPH L . -3.88 -15.69 6.43
CHA BPH L . -5.06 -14.75 6.69
C4D BPH L . -4.49 -13.55 7.15
C3D BPH L . -3.09 -13.57 7.31
CAD BPH L . -2.62 -14.87 6.87
OBD BPH L . -1.46 -15.29 6.79
C2D BPH L . -2.69 -12.32 7.79
CMD BPH L . -1.31 -11.86 8.11
C1D BPH L . -3.88 -11.54 7.94
ND BPH L . -4.95 -12.34 7.54
CHD BPH L . -4.07 -10.18 8.42
C4C BPH L . -5.25 -9.46 8.54
C3C BPH L . -5.40 -7.99 8.93
CAC BPH L . -4.83 -7.53 10.27
CBC BPH L . -3.31 -7.51 10.31
C2C BPH L . -6.94 -7.78 8.94
CMC BPH L . -7.43 -6.53 8.24
C1C BPH L . -7.46 -9.11 8.43
NC BPH L . -6.49 -10.02 8.25
CHC BPH L . -8.86 -9.34 8.22
C4B BPH L . -9.52 -10.36 7.55
C3B BPH L . -10.91 -10.43 7.20
CAB BPH L . -11.89 -9.33 7.53
CBB BPH L . -13.22 -9.75 8.08
OBB BPH L . -11.65 -8.13 7.38
C2B BPH L . -11.15 -11.62 6.54
CMB BPH L . -12.44 -12.15 5.98
C1B BPH L . -9.91 -12.34 6.47
NB BPH L . -8.98 -11.52 7.08
CHB BPH L . -9.67 -13.58 5.89
C4A BPH L . -8.47 -14.33 5.93
C3A BPH L . -8.32 -15.68 5.26
CMA BPH L . -8.29 -15.43 3.73
C2A BPH L . -6.93 -16.17 5.63
C1A BPH L . -6.37 -14.95 6.33
NA BPH L . -7.30 -13.91 6.44
CAA BPH L . -7.08 -17.31 6.64
CBA BPH L . -7.71 -18.62 6.15
CGA BPH L . -8.35 -19.51 7.14
O1A BPH L . -8.28 -19.44 8.38
O2A BPH L . -9.07 -20.48 6.56
C1 BPH L . -9.81 -21.50 7.28
C2 BPH L . -10.17 -22.47 6.17
C3 BPH L . -11.34 -22.44 5.53
C4 BPH L . -12.48 -21.49 5.88
C5 BPH L . -11.59 -23.42 4.39
C6 BPH L . -12.87 -23.12 3.57
C7 BPH L . -12.71 -22.06 2.46
C8 BPH L . -13.29 -22.43 1.06
C9 BPH L . -14.81 -22.72 1.14
C10 BPH L . -12.53 -23.59 0.40
C11 BPH L . -12.73 -23.64 -1.13
C12 BPH L . -12.31 -24.98 -1.77
C13 BPH L . -13.50 -25.86 -2.18
C14 BPH L . -13.10 -27.34 -2.10
C15 BPH L . -14.09 -25.43 -3.55
C16 BPH L . -13.79 -26.36 -4.75
C17 BPH L . -14.12 -25.72 -6.11
C18 BPH L . -13.49 -26.47 -7.30
C19 BPH L . -12.99 -25.51 -8.37
C20 BPH L . -14.47 -27.48 -7.90
C1 U10 M . 8.32 5.16 0.97
C2 U10 M . 8.96 4.15 0.11
C3 U10 M . 10.45 4.13 0.03
C4 U10 M . 11.19 5.04 0.73
C5 U10 M . 10.53 6.02 1.57
C6 U10 M . 9.07 6.04 1.69
C1M U10 M . 6.82 5.15 1.02
C3M U10 M . 10.75 1.95 -1.32
C4M U10 M . 13.50 4.04 0.19
C7 U10 M . 8.50 7.10 2.62
C8 U10 M . 7.97 6.43 3.87
C9 U10 M . 8.51 6.48 5.13
C10 U10 M . 9.72 7.26 5.47
C11 U10 M . 7.83 5.73 6.29
C12 U10 M . 7.13 6.61 7.34
C13 U10 M . 5.98 7.44 6.77
C14 U10 M . 4.70 7.46 7.26
C15 U10 M . 4.29 6.59 8.43
C16 U10 M . 3.64 8.34 6.60
C17 U10 M . 3.18 9.49 7.47
C18 U10 M . 4.14 10.64 7.40
C19 U10 M . 4.07 11.67 8.26
C20 U10 M . 3.01 11.72 9.29
C21 U10 M . 5.02 12.83 8.21
C22 U10 M . 4.28 14.05 7.69
C23 U10 M . 5.26 15.19 7.53
C24 U10 M . 5.07 16.20 6.64
C25 U10 M . 3.92 16.28 5.70
C26 U10 M . 6.11 17.27 6.55
C27 U10 M . 5.89 18.43 7.52
C28 U10 M . 6.57 19.58 6.85
C29 U10 M . 7.03 20.68 7.46
C30 U10 M . 6.91 20.87 8.96
C31 U10 M . 7.72 21.73 6.57
C32 U10 M . 6.89 22.17 5.35
C33 U10 M . 7.70 22.24 4.06
C34 U10 M . 7.39 23.14 3.09
C35 U10 M . 6.25 24.11 3.26
C36 U10 M . 8.19 23.22 1.81
C37 U10 M . 8.98 24.52 1.71
C38 U10 M . 9.73 24.75 2.99
C39 U10 M . 10.03 25.99 3.42
C40 U10 M . 10.77 26.15 4.73
C41 U10 M . 9.66 27.23 2.63
O2 U10 M . 8.28 3.33 -0.54
O3 U10 M . 11.17 3.18 -0.82
O4 U10 M . 12.64 5.09 0.70
O5 U10 M . 11.24 6.83 2.18
C1 HTO N . -13.37 -9.80 35.61
O1 HTO N . -14.79 -9.60 35.63
C2 HTO N . -12.84 -8.80 34.60
O2 HTO N . -13.70 -8.93 33.48
C3 HTO N . -11.38 -9.04 34.23
O3 HTO N . -10.65 -8.18 35.09
C4 HTO N . -11.02 -8.77 32.78
C5 HTO N . -9.60 -8.24 32.58
C6 HTO N . -9.38 -7.84 31.13
C7 HTO N . -8.18 -6.93 30.93
C1 CDL O . 14.86 -13.40 12.50
O1 CDL O . 14.94 -14.23 11.36
CA2 CDL O . 14.11 -12.15 12.09
OA2 CDL O . 14.39 -11.10 12.97
PA1 CDL O . 13.92 -9.64 12.51
OA3 CDL O . 13.11 -9.70 11.29
OA4 CDL O . 15.18 -8.82 12.58
OA5 CDL O . 12.96 -9.27 13.73
CA3 CDL O . 13.40 -9.37 15.09
CA4 CDL O . 12.35 -8.68 15.97
OA6 CDL O . 12.78 -7.36 16.31
CA5 CDL O . 11.72 -6.41 16.63
OA7 CDL O . 10.78 -6.31 15.87
C11 CDL O . 11.83 -5.57 17.90
C12 CDL O . 10.57 -4.78 18.16
C13 CDL O . 10.83 -3.67 19.16
C14 CDL O . 9.52 -3.11 19.70
C15 CDL O . 9.71 -1.81 20.49
C16 CDL O . 10.02 -2.05 21.96
C17 CDL O . 9.27 -1.07 22.84
C18 CDL O . 9.64 -1.25 24.30
C19 CDL O . 8.93 -0.20 25.15
C20 CDL O . 9.69 0.04 26.44
C21 CDL O . 10.75 1.13 26.26
C22 CDL O . 10.34 2.46 26.91
C23 CDL O . 11.10 3.65 26.32
C24 CDL O . 10.24 4.92 26.24
CA6 CDL O . 12.08 -9.45 17.27
OA8 CDL O . 11.00 -8.83 17.97
CA7 CDL O . 10.33 -9.49 19.08
OA9 CDL O . 11.00 -10.08 19.92
C31 CDL O . 8.81 -9.49 19.18
C32 CDL O . 8.31 -8.31 19.98
C33 CDL O . 6.78 -8.39 20.00
C34 CDL O . 6.20 -7.31 20.87
C35 CDL O . 4.72 -7.54 21.11
C36 CDL O . 4.11 -6.24 21.62
C37 CDL O . 2.98 -6.45 22.59
C38 CDL O . 2.15 -5.17 22.71
C39 CDL O . 2.27 -4.48 24.07
C40 CDL O . 1.15 -3.48 24.27
C41 CDL O . 1.01 -3.08 25.72
C42 CDL O . -0.33 -2.35 25.94
C43 CDL O . -1.15 -2.91 27.10
CB2 CDL O . 14.04 -14.06 13.58
OB2 CDL O . 12.97 -14.69 12.87
PB2 CDL O . 11.64 -15.25 13.54
OB3 CDL O . 11.21 -16.17 12.42
OB4 CDL O . 11.91 -15.74 14.93
OB5 CDL O . 10.63 -13.96 13.68
CB3 CDL O . 10.95 -12.84 14.53
CB4 CDL O . 9.79 -11.90 14.88
OB6 CDL O . 8.78 -12.55 15.69
CB5 CDL O . 9.02 -12.69 17.15
OB7 CDL O . 9.89 -12.03 17.71
C51 CDL O . 8.21 -13.65 18.02
C52 CDL O . 6.92 -13.00 18.45
C53 CDL O . 6.07 -13.98 19.27
C54 CDL O . 5.17 -13.22 20.25
C55 CDL O . 4.04 -14.11 20.77
C56 CDL O . 3.57 -13.70 22.17
C57 CDL O . 2.59 -14.72 22.74
C58 CDL O . 1.79 -14.12 23.89
CB6 CDL O . 9.18 -11.31 13.61
OB8 CDL O . 7.96 -10.62 13.86
CB7 CDL O . 7.73 -9.19 13.71
OB9 CDL O . 8.69 -8.45 13.56
C71 CDL O . 6.29 -8.63 13.77
C72 CDL O . 5.57 -9.35 14.88
C73 CDL O . 4.08 -9.01 15.00
C74 CDL O . 3.63 -9.44 16.40
C75 CDL O . 2.12 -9.39 16.65
C76 CDL O . 1.78 -10.16 17.92
C77 CDL O . 0.29 -10.15 18.20
C78 CDL O . 0.05 -10.65 19.61
C79 CDL O . -1.44 -10.78 19.90
C80 CDL O . -1.65 -10.98 21.40
C81 CDL O . -2.02 -9.64 22.06
C82 CDL O . -1.90 -9.74 23.57
C83 CDL O . -1.93 -8.35 24.20
C84 CDL O . -2.08 -8.42 25.72
N1 LDA P . -6.76 9.25 20.24
O1 LDA P . -6.37 8.49 21.16
CM1 LDA P . -8.19 8.90 20.15
CM2 LDA P . -6.69 10.65 20.71
C1 LDA P . -6.04 8.95 18.97
C2 LDA P . -5.09 10.05 18.44
C3 LDA P . -4.53 9.71 17.05
C4 LDA P . -3.01 9.84 16.86
C5 LDA P . -2.42 8.98 15.73
C6 LDA P . -0.90 8.74 15.80
C7 LDA P . -0.38 7.93 14.61
C8 LDA P . 1.08 7.42 14.78
C9 LDA P . 1.65 6.65 13.55
C10 LDA P . 2.69 5.59 13.95
C11 LDA P . 3.17 4.73 12.78
C12 LDA P . 3.72 3.34 13.13
N1 LDA Q . 15.39 18.42 10.17
O1 LDA Q . 16.34 17.82 9.60
CM1 LDA Q . 15.28 17.98 11.57
CM2 LDA Q . 15.68 19.87 10.19
C1 LDA Q . 14.13 18.22 9.45
C2 LDA Q . 13.70 16.76 9.39
C3 LDA Q . 12.55 16.49 10.35
C4 LDA Q . 11.18 16.43 9.66
C5 LDA Q . 10.25 15.53 10.44
C6 LDA Q . 8.80 16.00 10.38
C7 LDA Q . 7.92 15.03 11.18
C8 LDA Q . 6.86 15.72 12.04
C9 LDA Q . 5.61 14.84 12.13
C10 LDA Q . 4.55 15.32 13.12
C11 LDA Q . 3.31 14.42 13.07
C12 LDA Q . 2.69 14.20 14.44
N1 LDA R . -4.84 -29.87 -10.61
O1 LDA R . -5.17 -31.06 -10.33
CM1 LDA R . -3.62 -29.93 -11.44
CM2 LDA R . -5.97 -29.33 -11.40
C1 LDA R . -4.59 -29.11 -9.37
C2 LDA R . -4.70 -27.59 -9.60
C3 LDA R . -3.85 -26.78 -8.62
C4 LDA R . -4.67 -25.99 -7.62
C5 LDA R . -4.73 -24.51 -7.97
C6 LDA R . -5.48 -23.74 -6.89
C7 LDA R . -5.93 -22.38 -7.39
C8 LDA R . -6.66 -21.59 -6.32
C9 LDA R . -6.42 -20.09 -6.51
C10 LDA R . -7.23 -19.23 -5.54
C11 LDA R . -6.72 -17.77 -5.50
C12 LDA R . -6.58 -17.26 -4.07
N1 LDA S . -5.42 -5.22 -21.76
O1 LDA S . -4.93 -4.21 -21.21
CM1 LDA S . -6.59 -4.84 -22.60
CM2 LDA S . -4.39 -5.74 -22.68
C1 LDA S . -5.83 -6.24 -20.78
C2 LDA S . -6.54 -5.68 -19.53
C3 LDA S . -7.17 -6.82 -18.72
C4 LDA S . -7.20 -6.56 -17.21
C5 LDA S . -7.54 -7.80 -16.38
C6 LDA S . -6.94 -7.69 -14.97
C7 LDA S . -7.75 -8.40 -13.88
C8 LDA S . -6.88 -9.13 -12.85
C9 LDA S . -7.15 -8.75 -11.39
C10 LDA S . -7.02 -9.96 -10.45
C11 LDA S . -6.46 -9.66 -9.04
C12 LDA S . -5.99 -10.94 -8.31
N1 LDA T . -21.75 -16.38 5.93
O1 LDA T . -20.68 -16.12 5.30
CM1 LDA T . -22.77 -15.36 5.56
CM2 LDA T . -22.30 -17.69 5.48
C1 LDA T . -21.46 -16.43 7.39
C2 LDA T . -21.64 -15.11 8.15
C3 LDA T . -20.56 -14.08 7.90
C4 LDA T . -20.41 -13.16 9.09
C5 LDA T . -19.49 -13.76 10.13
C6 LDA T . -19.98 -13.46 11.53
C7 LDA T . -18.84 -13.18 12.51
C8 LDA T . -18.30 -14.45 13.14
C9 LDA T . -17.35 -14.14 14.28
C10 LDA T . -17.47 -15.18 15.40
C11 LDA T . -18.62 -14.79 16.32
C12 LDA T . -18.89 -15.77 17.43
N1 LDA U . 17.60 13.24 9.74
O1 LDA U . 18.12 12.44 8.92
CM1 LDA U . 18.62 14.01 10.47
CM2 LDA U . 16.77 14.20 8.98
C1 LDA U . 16.92 12.53 10.84
C2 LDA U . 15.47 12.17 10.51
C3 LDA U . 14.49 12.69 11.56
C4 LDA U . 13.51 11.59 11.90
C5 LDA U . 12.13 12.09 12.33
C6 LDA U . 11.21 10.87 12.29
C7 LDA U . 9.95 11.04 13.12
C8 LDA U . 8.83 10.15 12.59
C9 LDA U . 7.51 10.46 13.28
C10 LDA U . 6.34 10.51 12.31
C11 LDA U . 5.76 9.13 12.06
C12 LDA U . 4.46 8.89 12.82
#